data_1T4R
#
_entry.id   1T4R
#
_cell.length_a   88.300
_cell.length_b   88.300
_cell.length_c   113.200
_cell.angle_alpha   90.00
_cell.angle_beta   90.00
_cell.angle_gamma   120.00
#
_symmetry.space_group_name_H-M   'P 32'
#
loop_
_entity.id
_entity.type
_entity.pdbx_description
1 polymer 'Arginase 1'
2 non-polymer 'MANGANESE (II) ION'
3 non-polymer 3-{[(E)-AMINO(HYDROXYIMINO)METHYL]AMINO}PROPAN-1-AMINIUM
4 water water
#
_entity_poly.entity_id   1
_entity_poly.type   'polypeptide(L)'
_entity_poly.pdbx_seq_one_letter_code
;KPIEIIGAPFSKGQPRGGVEKGPAALRKAGLVEKLKETEYNVRDHGDLAFVDVPNDSPFQIVKNPRSVGKANEQLAAVVA
ETQKNGTISVVLGGDHSMAIGSISGHARVHPDLCVIWVDAHTDINTPLTTSSGNLHGQPVAFLLKELKGKFPDVPGFSWV
TPCISAKDIVYIGLRDVDPGEHYIIKTLGIKYFSMTEVDKLGIGKVMEETFSYLLGRKKRPIHLSFDVDGLDPVFTPATG
TPVVGGLSYREGLYITEEIYKTGLLSGLDIMEVNPTLGKTPEEVTRTVNTAVALTLSCFGTKREGNHKPETDYL
;
_entity_poly.pdbx_strand_id   A,B,C
#
loop_
_chem_comp.id
_chem_comp.type
_chem_comp.name
_chem_comp.formula
AHI non-polymer 3-{[(E)-AMINO(HYDROXYIMINO)METHYL]AMINO}PROPAN-1-AMINIUM 'C4 H13 N4 O 1'
MN non-polymer 'MANGANESE (II) ION' 'Mn 2'
#
# COMPACT_ATOMS: atom_id res chain seq x y z
N LYS A 1 0.76 -35.33 -1.18
CA LYS A 1 0.87 -35.20 0.30
C LYS A 1 -0.52 -34.97 0.92
N PRO A 2 -0.72 -35.42 2.17
CA PRO A 2 -2.03 -35.22 2.80
C PRO A 2 -2.12 -34.00 3.71
N ILE A 3 -3.33 -33.51 3.89
CA ILE A 3 -3.58 -32.36 4.74
C ILE A 3 -4.65 -32.75 5.75
N GLU A 4 -4.49 -32.29 6.99
CA GLU A 4 -5.48 -32.58 8.00
C GLU A 4 -5.89 -31.30 8.70
N ILE A 5 -7.13 -30.88 8.49
CA ILE A 5 -7.68 -29.68 9.11
C ILE A 5 -8.17 -30.02 10.51
N ILE A 6 -7.67 -29.29 11.52
CA ILE A 6 -8.08 -29.55 12.89
C ILE A 6 -8.67 -28.27 13.46
N GLY A 7 -9.93 -28.34 13.89
CA GLY A 7 -10.58 -27.17 14.47
C GLY A 7 -10.27 -27.00 15.95
N ALA A 8 -9.90 -25.79 16.35
CA ALA A 8 -9.56 -25.47 17.73
C ALA A 8 -10.42 -24.31 18.20
N PRO A 9 -11.76 -24.47 18.21
CA PRO A 9 -12.68 -23.42 18.65
C PRO A 9 -12.50 -23.02 20.12
N PHE A 10 -11.31 -22.48 20.41
CA PHE A 10 -10.98 -22.06 21.77
C PHE A 10 -10.90 -20.55 21.91
N SER A 11 -11.24 -20.04 23.09
CA SER A 11 -11.21 -18.60 23.30
C SER A 11 -10.74 -18.09 24.66
N LYS A 12 -10.54 -18.99 25.62
CA LYS A 12 -10.09 -18.54 26.95
C LYS A 12 -8.67 -17.96 26.93
N GLY A 13 -8.06 -17.95 25.75
CA GLY A 13 -6.71 -17.40 25.64
C GLY A 13 -6.75 -15.89 25.76
N GLN A 14 -7.95 -15.33 25.62
CA GLN A 14 -8.14 -13.88 25.73
C GLN A 14 -9.58 -13.55 26.15
N PRO A 15 -9.83 -12.29 26.58
CA PRO A 15 -11.13 -11.78 27.02
C PRO A 15 -12.27 -11.55 26.04
N ARG A 16 -12.01 -11.58 24.74
CA ARG A 16 -13.08 -11.33 23.78
C ARG A 16 -13.78 -12.57 23.23
N GLY A 17 -15.10 -12.63 23.46
CA GLY A 17 -15.88 -13.76 22.99
C GLY A 17 -16.05 -13.75 21.49
N GLY A 18 -16.08 -14.93 20.89
CA GLY A 18 -16.24 -15.01 19.46
C GLY A 18 -15.18 -15.78 18.69
N VAL A 19 -13.91 -15.70 19.08
CA VAL A 19 -12.88 -16.41 18.34
C VAL A 19 -13.20 -17.89 18.15
N GLU A 20 -13.80 -18.51 19.15
CA GLU A 20 -14.15 -19.92 19.06
C GLU A 20 -14.96 -20.18 17.77
N LYS A 21 -15.71 -19.19 17.32
CA LYS A 21 -16.52 -19.35 16.11
C LYS A 21 -15.67 -19.29 14.84
N GLY A 22 -14.37 -19.06 15.02
CA GLY A 22 -13.46 -18.95 13.90
C GLY A 22 -13.54 -20.10 12.91
N PRO A 23 -13.31 -21.32 13.37
CA PRO A 23 -13.36 -22.51 12.50
C PRO A 23 -14.67 -22.64 11.73
N ALA A 24 -15.78 -22.36 12.40
CA ALA A 24 -17.10 -22.46 11.78
C ALA A 24 -17.19 -21.48 10.60
N ALA A 25 -16.65 -20.28 10.79
CA ALA A 25 -16.67 -19.25 9.75
C ALA A 25 -15.80 -19.70 8.58
N LEU A 26 -14.56 -20.06 8.87
CA LEU A 26 -13.62 -20.51 7.86
C LEU A 26 -14.14 -21.65 6.99
N ARG A 27 -14.82 -22.61 7.62
CA ARG A 27 -15.36 -23.72 6.86
C ARG A 27 -16.54 -23.23 6.01
N LYS A 28 -17.38 -22.41 6.62
CA LYS A 28 -18.54 -21.84 6.00
C LYS A 28 -18.19 -21.11 4.69
N ALA A 29 -16.89 -20.86 4.52
CA ALA A 29 -16.38 -20.17 3.33
C ALA A 29 -15.85 -21.15 2.29
N GLY A 30 -15.90 -22.44 2.62
CA GLY A 30 -15.44 -23.45 1.69
C GLY A 30 -13.95 -23.78 1.78
N LEU A 31 -13.34 -23.41 2.90
CA LEU A 31 -11.91 -23.68 3.09
C LEU A 31 -11.56 -25.14 2.79
N VAL A 32 -12.42 -26.06 3.20
CA VAL A 32 -12.15 -27.47 2.97
C VAL A 32 -12.36 -27.83 1.50
N GLU A 33 -13.48 -27.40 0.92
CA GLU A 33 -13.76 -27.69 -0.48
C GLU A 33 -12.71 -27.07 -1.40
N LYS A 34 -12.37 -25.81 -1.12
CA LYS A 34 -11.38 -25.10 -1.93
C LYS A 34 -10.01 -25.76 -1.88
N LEU A 35 -9.70 -26.36 -0.74
CA LEU A 35 -8.43 -27.04 -0.58
C LEU A 35 -8.41 -28.27 -1.45
N LYS A 36 -9.51 -29.02 -1.43
CA LYS A 36 -9.56 -30.24 -2.23
C LYS A 36 -9.23 -29.96 -3.70
N GLU A 37 -9.48 -28.73 -4.14
CA GLU A 37 -9.19 -28.39 -5.53
C GLU A 37 -7.70 -28.27 -5.82
N THR A 38 -6.88 -28.40 -4.77
CA THR A 38 -5.44 -28.32 -4.95
C THR A 38 -4.88 -29.71 -5.18
N GLU A 39 -3.55 -29.80 -5.30
CA GLU A 39 -2.90 -31.09 -5.53
C GLU A 39 -2.71 -31.91 -4.25
N TYR A 40 -3.31 -31.47 -3.15
CA TYR A 40 -3.19 -32.20 -1.89
C TYR A 40 -4.45 -32.95 -1.56
N ASN A 41 -4.28 -34.01 -0.78
CA ASN A 41 -5.40 -34.81 -0.33
C ASN A 41 -5.81 -34.17 0.99
N VAL A 42 -7.10 -33.89 1.13
CA VAL A 42 -7.59 -33.21 2.33
C VAL A 42 -8.51 -34.04 3.19
N ARG A 43 -8.24 -34.03 4.50
CA ARG A 43 -9.08 -34.74 5.44
C ARG A 43 -9.42 -33.80 6.60
N ASP A 44 -10.71 -33.61 6.84
CA ASP A 44 -11.17 -32.74 7.93
C ASP A 44 -11.40 -33.60 9.18
N HIS A 45 -10.62 -33.35 10.22
CA HIS A 45 -10.69 -34.08 11.47
C HIS A 45 -11.85 -33.56 12.33
N GLY A 46 -12.42 -32.43 11.92
CA GLY A 46 -13.52 -31.84 12.65
C GLY A 46 -12.98 -30.96 13.76
N ASP A 47 -13.87 -30.43 14.58
CA ASP A 47 -13.45 -29.57 15.70
C ASP A 47 -13.26 -30.41 16.97
N LEU A 48 -12.26 -30.05 17.76
CA LEU A 48 -12.01 -30.74 19.01
C LEU A 48 -13.01 -30.17 20.02
N ALA A 49 -13.40 -30.98 20.98
CA ALA A 49 -14.33 -30.53 22.01
C ALA A 49 -13.53 -30.34 23.29
N PHE A 50 -13.38 -29.09 23.72
CA PHE A 50 -12.60 -28.79 24.92
C PHE A 50 -13.42 -28.82 26.20
N VAL A 51 -13.00 -29.68 27.12
CA VAL A 51 -13.67 -29.83 28.41
C VAL A 51 -13.29 -28.63 29.29
N ASP A 52 -14.31 -27.91 29.75
CA ASP A 52 -14.10 -26.72 30.57
C ASP A 52 -13.80 -27.01 32.03
N VAL A 53 -12.59 -26.61 32.46
CA VAL A 53 -12.14 -26.80 33.83
C VAL A 53 -12.94 -25.91 34.79
N PRO A 54 -13.72 -26.53 35.70
CA PRO A 54 -14.53 -25.75 36.65
C PRO A 54 -13.64 -25.22 37.77
N ASN A 55 -13.97 -24.03 38.25
CA ASN A 55 -13.20 -23.42 39.34
C ASN A 55 -11.75 -23.13 38.93
N ASP A 56 -11.58 -22.66 37.68
CA ASP A 56 -10.25 -22.34 37.17
C ASP A 56 -9.82 -20.97 37.69
N SER A 57 -9.25 -20.97 38.90
CA SER A 57 -8.79 -19.73 39.54
C SER A 57 -7.56 -19.19 38.83
N PRO A 58 -7.41 -17.86 38.78
CA PRO A 58 -6.27 -17.21 38.12
C PRO A 58 -4.96 -17.48 38.86
N PHE A 59 -3.91 -17.78 38.11
CA PHE A 59 -2.58 -18.02 38.69
C PHE A 59 -1.94 -16.65 38.75
N GLN A 60 -1.93 -16.04 39.93
CA GLN A 60 -1.38 -14.70 40.07
C GLN A 60 -2.17 -13.81 39.11
N ILE A 61 -1.63 -13.53 37.93
CA ILE A 61 -2.34 -12.70 36.96
C ILE A 61 -2.93 -13.48 35.79
N VAL A 62 -2.25 -14.57 35.41
CA VAL A 62 -2.71 -15.41 34.29
C VAL A 62 -4.16 -15.89 34.49
N LYS A 63 -4.95 -15.80 33.42
CA LYS A 63 -6.35 -16.19 33.48
C LYS A 63 -6.67 -17.53 32.83
N ASN A 64 -7.60 -18.26 33.44
CA ASN A 64 -8.04 -19.57 32.96
C ASN A 64 -6.85 -20.44 32.58
N PRO A 65 -5.83 -20.50 33.44
CA PRO A 65 -4.64 -21.30 33.15
C PRO A 65 -4.91 -22.79 32.91
N ARG A 66 -5.76 -23.36 33.76
CA ARG A 66 -6.09 -24.76 33.66
C ARG A 66 -6.87 -25.09 32.40
N SER A 67 -7.79 -24.21 32.02
CA SER A 67 -8.58 -24.45 30.81
C SER A 67 -7.69 -24.40 29.57
N VAL A 68 -6.82 -23.38 29.52
CA VAL A 68 -5.91 -23.21 28.40
C VAL A 68 -4.89 -24.33 28.39
N GLY A 69 -4.43 -24.72 29.57
CA GLY A 69 -3.44 -25.78 29.68
C GLY A 69 -3.97 -27.10 29.19
N LYS A 70 -5.20 -27.43 29.57
CA LYS A 70 -5.82 -28.68 29.16
C LYS A 70 -6.16 -28.70 27.67
N ALA A 71 -6.72 -27.60 27.18
CA ALA A 71 -7.10 -27.46 25.76
C ALA A 71 -5.90 -27.67 24.84
N ASN A 72 -4.76 -27.09 25.20
CA ASN A 72 -3.55 -27.24 24.39
C ASN A 72 -2.99 -28.65 24.49
N GLU A 73 -3.07 -29.25 25.66
CA GLU A 73 -2.57 -30.62 25.87
C GLU A 73 -3.32 -31.53 24.92
N GLN A 74 -4.64 -31.37 24.88
CA GLN A 74 -5.48 -32.17 24.02
C GLN A 74 -5.09 -31.99 22.54
N LEU A 75 -4.96 -30.75 22.10
CA LEU A 75 -4.58 -30.44 20.72
C LEU A 75 -3.20 -31.01 20.36
N ALA A 76 -2.24 -30.85 21.25
CA ALA A 76 -0.89 -31.35 21.01
C ALA A 76 -0.92 -32.86 20.77
N ALA A 77 -1.86 -33.54 21.44
CA ALA A 77 -1.98 -34.99 21.27
C ALA A 77 -2.41 -35.27 19.84
N VAL A 78 -3.46 -34.58 19.41
CA VAL A 78 -4.01 -34.72 18.07
C VAL A 78 -3.03 -34.35 16.96
N VAL A 79 -2.29 -33.28 17.15
CA VAL A 79 -1.32 -32.84 16.14
C VAL A 79 -0.19 -33.83 16.03
N ALA A 80 0.28 -34.32 17.17
CA ALA A 80 1.36 -35.28 17.21
C ALA A 80 0.96 -36.48 16.38
N GLU A 81 -0.28 -36.91 16.59
CA GLU A 81 -0.87 -38.06 15.92
C GLU A 81 -0.88 -37.97 14.39
N THR A 82 -1.35 -36.83 13.86
CA THR A 82 -1.43 -36.63 12.43
C THR A 82 -0.05 -36.43 11.80
N GLN A 83 0.84 -35.75 12.53
CA GLN A 83 2.18 -35.53 12.02
C GLN A 83 2.85 -36.88 11.88
N LYS A 84 2.56 -37.77 12.82
CA LYS A 84 3.10 -39.12 12.83
C LYS A 84 2.75 -39.84 11.55
N ASN A 85 1.54 -39.62 11.09
CA ASN A 85 1.06 -40.21 9.84
C ASN A 85 1.56 -39.46 8.63
N GLY A 86 2.58 -38.66 8.85
CA GLY A 86 3.20 -37.86 7.82
C GLY A 86 2.30 -36.88 7.11
N THR A 87 1.22 -36.45 7.76
CA THR A 87 0.31 -35.51 7.13
C THR A 87 0.64 -34.10 7.63
N ILE A 88 0.33 -33.09 6.82
CA ILE A 88 0.57 -31.70 7.21
C ILE A 88 -0.65 -31.27 8.01
N SER A 89 -0.40 -30.70 9.17
CA SER A 89 -1.49 -30.27 10.02
C SER A 89 -1.80 -28.79 9.84
N VAL A 90 -3.09 -28.48 9.76
CA VAL A 90 -3.57 -27.12 9.59
C VAL A 90 -4.58 -26.82 10.70
N VAL A 91 -4.14 -26.09 11.73
CA VAL A 91 -5.00 -25.75 12.85
C VAL A 91 -5.80 -24.46 12.64
N LEU A 92 -7.11 -24.52 12.88
CA LEU A 92 -7.99 -23.35 12.74
C LEU A 92 -8.32 -22.81 14.13
N GLY A 93 -7.86 -21.59 14.42
CA GLY A 93 -8.11 -21.00 15.73
C GLY A 93 -9.50 -20.41 15.90
N GLY A 94 -10.03 -20.42 17.13
CA GLY A 94 -9.87 -19.34 18.08
C GLY A 94 -8.55 -18.58 18.24
N ASP A 95 -8.27 -18.17 19.47
CA ASP A 95 -7.07 -17.39 19.80
C ASP A 95 -5.72 -18.08 19.61
N HIS A 96 -4.67 -17.27 19.60
CA HIS A 96 -3.32 -17.75 19.37
C HIS A 96 -2.71 -18.63 20.47
N SER A 97 -3.32 -18.65 21.65
CA SER A 97 -2.74 -19.47 22.71
C SER A 97 -2.76 -20.95 22.38
N MET A 98 -3.52 -21.34 21.36
CA MET A 98 -3.58 -22.75 20.98
C MET A 98 -2.30 -23.12 20.22
N ALA A 99 -1.40 -22.16 20.05
CA ALA A 99 -0.15 -22.38 19.34
C ALA A 99 0.78 -23.22 20.20
N ILE A 100 0.58 -23.13 21.50
CA ILE A 100 1.38 -23.89 22.47
C ILE A 100 1.29 -25.37 22.11
N GLY A 101 0.06 -25.90 22.06
CA GLY A 101 -0.13 -27.30 21.72
C GLY A 101 0.13 -27.63 20.26
N SER A 102 -0.27 -26.73 19.36
CA SER A 102 -0.08 -26.97 17.93
C SER A 102 1.40 -27.20 17.60
N ILE A 103 2.28 -26.33 18.10
CA ILE A 103 3.71 -26.44 17.85
C ILE A 103 4.35 -27.54 18.68
N SER A 104 3.82 -27.77 19.88
CA SER A 104 4.35 -28.81 20.76
C SER A 104 4.13 -30.17 20.13
N GLY A 105 2.89 -30.46 19.76
CA GLY A 105 2.62 -31.72 19.12
C GLY A 105 3.59 -31.85 17.97
N HIS A 106 3.52 -30.91 17.03
CA HIS A 106 4.40 -30.91 15.87
C HIS A 106 5.85 -31.22 16.23
N ALA A 107 6.33 -30.55 17.28
CA ALA A 107 7.71 -30.74 17.72
C ALA A 107 8.04 -32.18 18.09
N ARG A 108 7.07 -32.88 18.71
CA ARG A 108 7.26 -34.27 19.11
C ARG A 108 7.65 -35.18 17.94
N VAL A 109 7.08 -34.94 16.77
CA VAL A 109 7.35 -35.74 15.58
C VAL A 109 8.52 -35.15 14.76
N HIS A 110 8.64 -33.83 14.80
CA HIS A 110 9.71 -33.14 14.08
C HIS A 110 10.40 -32.17 15.02
N PRO A 111 11.35 -32.68 15.82
CA PRO A 111 12.09 -31.86 16.78
C PRO A 111 13.04 -30.84 16.15
N ASP A 112 13.25 -30.92 14.83
CA ASP A 112 14.15 -29.98 14.17
C ASP A 112 13.43 -28.90 13.33
N LEU A 113 12.17 -28.63 13.68
CA LEU A 113 11.39 -27.64 12.97
C LEU A 113 11.74 -26.20 13.34
N CYS A 114 11.48 -25.29 12.41
CA CYS A 114 11.73 -23.87 12.64
C CYS A 114 10.35 -23.20 12.60
N VAL A 115 10.20 -22.09 13.31
CA VAL A 115 8.91 -21.41 13.34
C VAL A 115 8.90 -20.03 12.69
N ILE A 116 7.97 -19.83 11.75
CA ILE A 116 7.82 -18.52 11.12
C ILE A 116 6.52 -17.98 11.71
N TRP A 117 6.65 -16.93 12.52
CA TRP A 117 5.52 -16.34 13.22
C TRP A 117 5.06 -15.01 12.63
N VAL A 118 4.07 -15.02 11.74
CA VAL A 118 3.58 -13.78 11.17
C VAL A 118 2.55 -13.21 12.15
N ASP A 119 2.88 -12.05 12.73
CA ASP A 119 2.00 -11.50 13.72
C ASP A 119 2.43 -10.04 13.93
N ALA A 120 1.53 -9.23 14.47
CA ALA A 120 1.83 -7.86 14.80
C ALA A 120 2.36 -7.90 16.20
N HIS A 121 2.16 -9.12 16.84
CA HIS A 121 2.67 -9.24 18.20
C HIS A 121 3.72 -10.28 18.39
N THR A 122 4.56 -10.16 19.51
CA THR A 122 5.55 -11.19 19.68
C THR A 122 4.91 -12.41 20.44
N ASP A 123 3.89 -12.12 21.23
CA ASP A 123 3.21 -13.11 22.09
C ASP A 123 4.23 -13.86 22.95
N ILE A 124 5.21 -13.14 23.48
CA ILE A 124 6.25 -13.80 24.24
C ILE A 124 6.30 -13.35 25.70
N ASN A 125 5.22 -12.77 26.18
CA ASN A 125 5.18 -12.36 27.58
C ASN A 125 5.16 -13.60 28.44
N THR A 126 5.83 -13.50 29.59
CA THR A 126 5.87 -14.62 30.52
C THR A 126 4.77 -14.36 31.55
N PRO A 127 4.43 -15.38 32.35
CA PRO A 127 3.39 -15.18 33.35
C PRO A 127 3.74 -14.01 34.26
N LEU A 128 5.02 -13.65 34.29
CA LEU A 128 5.50 -12.54 35.12
C LEU A 128 5.49 -11.18 34.43
N THR A 129 5.54 -11.15 33.10
CA THR A 129 5.57 -9.88 32.39
C THR A 129 4.27 -9.42 31.73
N THR A 130 3.16 -10.13 31.94
CA THR A 130 1.93 -9.72 31.28
C THR A 130 1.23 -8.63 32.07
N SER A 131 0.70 -7.63 31.36
CA SER A 131 -0.04 -6.55 31.99
C SER A 131 -1.46 -7.08 32.19
N SER A 132 -1.80 -8.04 31.34
CA SER A 132 -3.09 -8.72 31.38
C SER A 132 -2.70 -10.18 31.52
N GLY A 133 -3.54 -10.98 32.15
CA GLY A 133 -3.19 -12.37 32.30
C GLY A 133 -3.51 -13.17 31.05
N ASN A 134 -3.85 -12.48 29.97
CA ASN A 134 -4.23 -13.14 28.73
C ASN A 134 -3.10 -13.98 28.17
N LEU A 135 -3.33 -15.28 28.12
CA LEU A 135 -2.36 -16.25 27.64
C LEU A 135 -2.16 -16.26 26.12
N HIS A 136 -3.12 -15.71 25.38
CA HIS A 136 -2.97 -15.70 23.93
C HIS A 136 -1.78 -14.80 23.62
N GLY A 137 -1.26 -14.14 24.64
CA GLY A 137 -0.13 -13.26 24.43
C GLY A 137 1.13 -13.81 25.06
N GLN A 138 1.09 -15.08 25.42
CA GLN A 138 2.23 -15.72 26.06
C GLN A 138 2.66 -17.05 25.44
N PRO A 139 2.06 -17.46 24.31
CA PRO A 139 2.41 -18.74 23.68
C PRO A 139 3.89 -19.08 23.52
N VAL A 140 4.66 -18.18 22.92
CA VAL A 140 6.08 -18.44 22.69
C VAL A 140 6.89 -18.55 23.97
N ALA A 141 6.44 -17.93 25.04
CA ALA A 141 7.14 -17.98 26.32
C ALA A 141 7.12 -19.39 26.93
N PHE A 142 6.11 -20.18 26.58
CA PHE A 142 6.00 -21.55 27.08
C PHE A 142 6.79 -22.51 26.19
N LEU A 143 7.03 -22.11 24.95
CA LEU A 143 7.74 -22.95 23.99
C LEU A 143 9.26 -22.72 23.90
N LEU A 144 9.75 -21.57 24.35
CA LEU A 144 11.19 -21.29 24.29
C LEU A 144 12.02 -21.97 25.39
N LYS A 145 13.04 -22.70 24.96
CA LYS A 145 13.93 -23.40 25.89
C LYS A 145 14.69 -22.38 26.76
N GLU A 146 15.07 -21.27 26.16
CA GLU A 146 15.82 -20.24 26.87
C GLU A 146 15.00 -19.55 27.95
N LEU A 147 13.67 -19.72 27.91
CA LEU A 147 12.78 -19.09 28.89
C LEU A 147 12.30 -20.07 29.97
N LYS A 148 12.87 -21.27 29.94
CA LYS A 148 12.52 -22.31 30.91
C LYS A 148 12.93 -21.96 32.33
N GLY A 149 11.95 -21.97 33.24
CA GLY A 149 12.21 -21.66 34.63
C GLY A 149 12.38 -20.19 34.93
N LYS A 150 12.27 -19.33 33.92
CA LYS A 150 12.40 -17.91 34.14
C LYS A 150 11.08 -17.35 34.64
N PHE A 151 10.16 -18.27 34.94
CA PHE A 151 8.86 -17.92 35.46
C PHE A 151 8.30 -19.12 36.19
N PRO A 152 7.40 -18.89 37.15
CA PRO A 152 6.79 -20.00 37.91
C PRO A 152 5.94 -20.95 37.06
N ASP A 153 5.88 -22.21 37.47
CA ASP A 153 5.08 -23.17 36.73
C ASP A 153 3.63 -22.73 36.83
N VAL A 154 2.87 -22.99 35.78
CA VAL A 154 1.46 -22.61 35.73
C VAL A 154 0.55 -23.82 35.74
N PRO A 155 -0.51 -23.78 36.57
CA PRO A 155 -1.47 -24.88 36.70
C PRO A 155 -2.07 -25.28 35.37
N GLY A 156 -1.70 -26.47 34.89
CA GLY A 156 -2.22 -26.95 33.62
C GLY A 156 -1.21 -27.03 32.49
N PHE A 157 0.00 -26.53 32.70
CA PHE A 157 1.01 -26.55 31.65
C PHE A 157 2.17 -27.47 31.93
N SER A 158 2.08 -28.25 33.00
CA SER A 158 3.17 -29.15 33.35
C SER A 158 3.64 -30.02 32.17
N TRP A 159 2.69 -30.51 31.39
CA TRP A 159 2.99 -31.37 30.23
C TRP A 159 3.87 -30.73 29.15
N VAL A 160 3.90 -29.40 29.12
CA VAL A 160 4.68 -28.69 28.12
C VAL A 160 6.18 -28.84 28.29
N THR A 161 6.86 -29.02 27.16
CA THR A 161 8.30 -29.19 27.13
C THR A 161 8.84 -28.15 26.15
N PRO A 162 9.64 -27.19 26.62
CA PRO A 162 10.18 -26.21 25.68
C PRO A 162 10.85 -26.96 24.52
N CYS A 163 10.27 -26.85 23.33
CA CYS A 163 10.78 -27.57 22.17
C CYS A 163 11.64 -26.81 21.16
N ILE A 164 11.49 -25.49 21.08
CA ILE A 164 12.30 -24.71 20.13
C ILE A 164 13.09 -23.61 20.83
N SER A 165 14.25 -23.29 20.29
CA SER A 165 15.11 -22.28 20.86
C SER A 165 15.01 -20.96 20.09
N ALA A 166 15.52 -19.89 20.71
CA ALA A 166 15.51 -18.55 20.12
C ALA A 166 16.11 -18.48 18.70
N LYS A 167 16.78 -19.57 18.31
CA LYS A 167 17.42 -19.63 17.00
C LYS A 167 16.52 -20.21 15.94
N ASP A 168 15.47 -20.88 16.38
CA ASP A 168 14.57 -21.54 15.46
C ASP A 168 13.32 -20.73 15.14
N ILE A 169 13.26 -19.48 15.58
CA ILE A 169 12.08 -18.66 15.33
C ILE A 169 12.39 -17.34 14.63
N VAL A 170 11.47 -16.94 13.77
CA VAL A 170 11.57 -15.68 13.03
C VAL A 170 10.19 -15.00 13.04
N TYR A 171 10.16 -13.73 13.44
CA TYR A 171 8.93 -12.96 13.49
C TYR A 171 8.83 -12.06 12.29
N ILE A 172 7.63 -11.90 11.75
CA ILE A 172 7.42 -11.01 10.59
C ILE A 172 6.14 -10.23 10.79
N GLY A 173 6.26 -8.89 10.78
CA GLY A 173 5.09 -8.03 10.92
C GLY A 173 4.99 -7.30 12.28
N LEU A 174 5.94 -7.57 13.18
CA LEU A 174 5.94 -6.97 14.54
C LEU A 174 5.74 -5.44 14.57
N ARG A 175 4.87 -4.96 15.42
CA ARG A 175 4.56 -3.55 15.46
C ARG A 175 3.80 -3.13 16.73
N ASP A 176 3.60 -4.03 17.66
CA ASP A 176 2.97 -3.66 18.89
C ASP A 176 3.52 -4.58 19.94
N VAL A 177 4.76 -4.31 20.33
CA VAL A 177 5.49 -5.11 21.32
C VAL A 177 5.56 -4.41 22.67
N ASP A 178 5.37 -5.17 23.75
CA ASP A 178 5.45 -4.61 25.08
C ASP A 178 6.91 -4.45 25.49
N PRO A 179 7.17 -3.58 26.47
CA PRO A 179 8.55 -3.37 26.92
C PRO A 179 9.22 -4.71 27.31
N GLY A 180 8.59 -5.44 28.21
CA GLY A 180 9.12 -6.71 28.66
C GLY A 180 9.44 -7.63 27.50
N GLU A 181 8.53 -7.72 26.55
CA GLU A 181 8.73 -8.55 25.37
C GLU A 181 9.94 -8.07 24.57
N HIS A 182 9.99 -6.77 24.30
CA HIS A 182 11.09 -6.22 23.52
C HIS A 182 12.43 -6.47 24.21
N TYR A 183 12.41 -6.60 25.54
CA TYR A 183 13.62 -6.87 26.30
C TYR A 183 14.00 -8.32 26.00
N ILE A 184 13.01 -9.19 26.13
CA ILE A 184 13.19 -10.60 25.89
C ILE A 184 13.78 -10.91 24.51
N ILE A 185 13.16 -10.37 23.45
CA ILE A 185 13.66 -10.62 22.10
C ILE A 185 15.03 -10.00 21.80
N LYS A 186 15.36 -8.90 22.47
CA LYS A 186 16.66 -8.27 22.27
C LYS A 186 17.70 -9.08 23.03
N THR A 187 17.35 -9.45 24.25
CA THR A 187 18.23 -10.23 25.10
C THR A 187 18.54 -11.60 24.53
N LEU A 188 17.52 -12.33 24.10
CA LEU A 188 17.71 -13.67 23.55
C LEU A 188 18.28 -13.74 22.13
N GLY A 189 18.35 -12.58 21.46
CA GLY A 189 18.88 -12.57 20.09
C GLY A 189 17.94 -13.11 19.03
N ILE A 190 16.64 -13.12 19.33
CA ILE A 190 15.63 -13.60 18.40
C ILE A 190 15.60 -12.78 17.11
N LYS A 191 15.54 -13.45 15.97
CA LYS A 191 15.51 -12.78 14.67
C LYS A 191 14.08 -12.33 14.35
N TYR A 192 13.93 -11.10 13.89
CA TYR A 192 12.61 -10.57 13.59
C TYR A 192 12.66 -9.49 12.53
N PHE A 193 11.53 -9.31 11.85
CA PHE A 193 11.39 -8.27 10.84
C PHE A 193 10.15 -7.51 11.22
N SER A 194 10.34 -6.40 11.94
CA SER A 194 9.23 -5.56 12.37
C SER A 194 8.82 -4.79 11.12
N MET A 195 7.67 -4.14 11.18
CA MET A 195 7.19 -3.39 10.04
C MET A 195 8.24 -2.44 9.48
N THR A 196 9.13 -1.93 10.33
CA THR A 196 10.14 -1.01 9.82
C THR A 196 11.15 -1.76 8.93
N GLU A 197 11.45 -3.02 9.24
CA GLU A 197 12.38 -3.78 8.41
C GLU A 197 11.73 -4.15 7.09
N VAL A 198 10.41 -4.39 7.12
CA VAL A 198 9.71 -4.72 5.91
C VAL A 198 9.73 -3.49 5.02
N ASP A 199 9.46 -2.32 5.61
CA ASP A 199 9.46 -1.07 4.84
C ASP A 199 10.81 -0.83 4.23
N LYS A 200 11.86 -0.97 5.05
CA LYS A 200 13.23 -0.79 4.59
C LYS A 200 13.66 -1.79 3.53
N LEU A 201 13.42 -3.07 3.79
CA LEU A 201 13.84 -4.10 2.85
C LEU A 201 12.92 -4.51 1.69
N GLY A 202 11.62 -4.54 1.92
CA GLY A 202 10.72 -4.99 0.87
C GLY A 202 10.40 -6.44 1.23
N ILE A 203 9.13 -6.82 1.13
CA ILE A 203 8.74 -8.16 1.53
C ILE A 203 9.59 -9.22 0.89
N GLY A 204 10.08 -8.90 -0.30
CA GLY A 204 10.91 -9.85 -1.04
C GLY A 204 12.20 -10.18 -0.36
N LYS A 205 12.97 -9.16 -0.04
CA LYS A 205 14.25 -9.38 0.61
C LYS A 205 14.05 -10.05 1.97
N VAL A 206 13.01 -9.63 2.67
CA VAL A 206 12.70 -10.20 3.99
C VAL A 206 12.57 -11.72 3.92
N MET A 207 11.67 -12.19 3.05
CA MET A 207 11.46 -13.62 2.92
C MET A 207 12.76 -14.33 2.58
N GLU A 208 13.55 -13.70 1.71
CA GLU A 208 14.81 -14.25 1.29
C GLU A 208 15.69 -14.46 2.53
N GLU A 209 15.80 -13.43 3.36
CA GLU A 209 16.61 -13.54 4.54
C GLU A 209 16.11 -14.60 5.53
N THR A 210 14.83 -14.51 5.90
CA THR A 210 14.28 -15.47 6.87
C THR A 210 14.60 -16.92 6.51
N PHE A 211 14.65 -17.22 5.22
CA PHE A 211 14.95 -18.58 4.77
C PHE A 211 16.42 -18.94 4.93
N SER A 212 17.32 -18.05 4.49
CA SER A 212 18.73 -18.33 4.62
C SER A 212 19.11 -18.36 6.10
N TYR A 213 18.32 -17.71 6.93
CA TYR A 213 18.58 -17.68 8.36
C TYR A 213 18.09 -18.93 9.08
N LEU A 214 16.99 -19.51 8.59
CA LEU A 214 16.42 -20.69 9.21
C LEU A 214 16.72 -21.99 8.46
N LEU A 215 17.11 -21.86 7.19
CA LEU A 215 17.40 -23.01 6.35
C LEU A 215 18.79 -22.96 5.72
N GLY A 216 19.52 -21.89 6.00
CA GLY A 216 20.86 -21.76 5.44
C GLY A 216 21.65 -23.04 5.56
N ARG A 217 21.74 -23.56 6.79
CA ARG A 217 22.48 -24.78 7.08
C ARG A 217 21.68 -26.04 6.75
N LYS A 218 20.75 -26.40 7.62
CA LYS A 218 19.91 -27.59 7.43
C LYS A 218 18.50 -27.30 6.98
N LYS A 219 18.06 -27.97 5.93
CA LYS A 219 16.67 -27.83 5.48
C LYS A 219 15.81 -28.52 6.52
N ARG A 220 14.79 -27.87 7.04
CA ARG A 220 13.97 -28.54 8.03
C ARG A 220 12.49 -28.20 7.90
N PRO A 221 11.63 -29.01 8.55
CA PRO A 221 10.17 -28.77 8.50
C PRO A 221 9.86 -27.35 8.99
N ILE A 222 8.91 -26.69 8.33
CA ILE A 222 8.53 -25.33 8.72
C ILE A 222 7.16 -25.23 9.36
N HIS A 223 7.09 -24.58 10.51
CA HIS A 223 5.79 -24.40 11.17
C HIS A 223 5.37 -22.92 11.03
N LEU A 224 4.36 -22.67 10.20
CA LEU A 224 3.89 -21.31 10.03
C LEU A 224 2.71 -21.02 10.97
N SER A 225 2.94 -20.13 11.93
CA SER A 225 1.91 -19.75 12.88
C SER A 225 1.47 -18.36 12.41
N PHE A 226 0.33 -18.31 11.74
CA PHE A 226 -0.15 -17.06 11.17
C PHE A 226 -1.28 -16.33 11.93
N ASP A 227 -0.91 -15.26 12.61
CA ASP A 227 -1.90 -14.48 13.34
C ASP A 227 -2.49 -13.51 12.31
N VAL A 228 -3.78 -13.64 12.05
CA VAL A 228 -4.44 -12.80 11.08
C VAL A 228 -4.29 -11.29 11.37
N ASP A 229 -3.99 -10.92 12.61
CA ASP A 229 -3.82 -9.50 12.91
C ASP A 229 -2.45 -8.99 12.50
N GLY A 230 -1.71 -9.80 11.75
CA GLY A 230 -0.41 -9.36 11.27
C GLY A 230 -0.59 -8.54 10.00
N LEU A 231 -1.74 -8.65 9.38
CA LEU A 231 -2.05 -7.89 8.18
C LEU A 231 -2.73 -6.66 8.72
N ASP A 232 -2.80 -5.62 7.90
CA ASP A 232 -3.40 -4.38 8.35
C ASP A 232 -4.92 -4.54 8.57
N PRO A 233 -5.47 -3.84 9.59
CA PRO A 233 -6.91 -3.91 9.89
C PRO A 233 -7.82 -3.71 8.68
N VAL A 234 -7.32 -3.02 7.65
CA VAL A 234 -8.11 -2.81 6.43
C VAL A 234 -8.32 -4.13 5.67
N PHE A 235 -7.55 -5.16 6.00
CA PHE A 235 -7.66 -6.44 5.32
C PHE A 235 -8.28 -7.53 6.18
N THR A 236 -7.95 -7.51 7.47
CA THR A 236 -8.44 -8.49 8.42
C THR A 236 -8.93 -7.80 9.67
N PRO A 237 -9.95 -6.93 9.55
CA PRO A 237 -10.54 -6.17 10.67
C PRO A 237 -11.23 -6.98 11.78
N ALA A 238 -11.67 -8.18 11.47
CA ALA A 238 -12.33 -9.02 12.44
C ALA A 238 -11.37 -9.78 13.35
N THR A 239 -10.62 -9.05 14.17
CA THR A 239 -9.69 -9.64 15.13
C THR A 239 -9.76 -8.89 16.44
N GLY A 240 -9.39 -9.55 17.52
CA GLY A 240 -9.43 -8.90 18.82
C GLY A 240 -8.42 -7.77 19.00
N THR A 241 -7.21 -7.91 18.43
CA THR A 241 -6.21 -6.87 18.59
C THR A 241 -5.64 -6.28 17.29
N PRO A 242 -6.42 -5.45 16.59
CA PRO A 242 -5.93 -4.86 15.35
C PRO A 242 -4.96 -3.70 15.67
N VAL A 243 -3.90 -3.59 14.87
CA VAL A 243 -2.89 -2.55 15.03
C VAL A 243 -2.62 -2.01 13.65
N VAL A 244 -2.75 -0.68 13.48
CA VAL A 244 -2.53 -0.10 12.15
C VAL A 244 -1.10 -0.23 11.59
N GLY A 245 -0.96 -0.01 10.28
CA GLY A 245 0.33 -0.09 9.60
C GLY A 245 0.91 -1.47 9.50
N GLY A 246 0.08 -2.45 9.18
CA GLY A 246 0.57 -3.82 9.08
C GLY A 246 0.81 -4.28 7.66
N LEU A 247 1.06 -5.58 7.51
CA LEU A 247 1.31 -6.17 6.22
C LEU A 247 0.07 -6.06 5.35
N SER A 248 0.29 -5.91 4.03
CA SER A 248 -0.80 -5.80 3.09
C SER A 248 -1.26 -7.18 2.63
N TYR A 249 -2.45 -7.22 2.03
CA TYR A 249 -3.01 -8.46 1.52
C TYR A 249 -1.95 -9.10 0.62
N ARG A 250 -1.33 -8.29 -0.24
CA ARG A 250 -0.25 -8.69 -1.18
C ARG A 250 0.91 -9.31 -0.42
N GLU A 251 1.42 -8.57 0.57
CA GLU A 251 2.60 -9.06 1.29
C GLU A 251 2.30 -10.36 2.04
N GLY A 252 1.06 -10.51 2.48
CA GLY A 252 0.67 -11.73 3.18
C GLY A 252 0.74 -12.94 2.24
N LEU A 253 0.17 -12.80 1.05
CA LEU A 253 0.18 -13.87 0.06
C LEU A 253 1.59 -14.15 -0.42
N TYR A 254 2.44 -13.14 -0.45
CA TYR A 254 3.79 -13.37 -0.91
C TYR A 254 4.46 -14.27 0.07
N ILE A 255 4.31 -13.98 1.36
CA ILE A 255 4.90 -14.82 2.38
C ILE A 255 4.41 -16.25 2.18
N THR A 256 3.10 -16.47 2.20
CA THR A 256 2.59 -17.82 1.98
C THR A 256 3.06 -18.42 0.65
N GLU A 257 3.09 -17.61 -0.42
CA GLU A 257 3.55 -18.10 -1.72
C GLU A 257 5.01 -18.59 -1.68
N GLU A 258 5.85 -17.89 -0.94
CA GLU A 258 7.26 -18.28 -0.82
C GLU A 258 7.44 -19.52 0.03
N ILE A 259 6.66 -19.62 1.10
CA ILE A 259 6.72 -20.75 1.99
C ILE A 259 6.26 -22.04 1.28
N TYR A 260 5.27 -21.92 0.38
CA TYR A 260 4.81 -23.09 -0.35
C TYR A 260 5.98 -23.56 -1.20
N LYS A 261 6.55 -22.64 -1.98
CA LYS A 261 7.65 -22.96 -2.87
C LYS A 261 8.82 -23.69 -2.21
N THR A 262 8.99 -23.56 -0.89
CA THR A 262 10.09 -24.25 -0.21
C THR A 262 9.81 -25.74 -0.10
N GLY A 263 8.55 -26.11 -0.29
CA GLY A 263 8.15 -27.51 -0.21
C GLY A 263 8.28 -28.06 1.20
N LEU A 264 8.71 -27.21 2.12
CA LEU A 264 8.90 -27.66 3.49
C LEU A 264 7.76 -27.41 4.48
N LEU A 265 6.66 -26.80 4.04
CA LEU A 265 5.57 -26.54 4.98
C LEU A 265 5.10 -27.84 5.64
N SER A 266 5.18 -27.89 6.98
CA SER A 266 4.77 -29.07 7.74
C SER A 266 3.60 -28.82 8.72
N GLY A 267 3.47 -27.59 9.18
CA GLY A 267 2.42 -27.23 10.12
C GLY A 267 1.97 -25.80 9.90
N LEU A 268 0.69 -25.54 10.16
CA LEU A 268 0.14 -24.20 9.93
C LEU A 268 -0.91 -23.83 10.97
N ASP A 269 -1.00 -22.53 11.25
CA ASP A 269 -1.99 -22.03 12.18
C ASP A 269 -2.60 -20.77 11.59
N ILE A 270 -3.92 -20.72 11.56
CA ILE A 270 -4.64 -19.57 11.06
C ILE A 270 -5.41 -19.13 12.29
N MET A 271 -4.81 -18.25 13.07
CA MET A 271 -5.42 -17.81 14.32
C MET A 271 -6.06 -16.41 14.38
N GLU A 272 -6.76 -16.19 15.49
CA GLU A 272 -7.42 -14.93 15.83
C GLU A 272 -8.60 -14.47 14.98
N VAL A 273 -9.13 -15.31 14.11
CA VAL A 273 -10.27 -14.85 13.33
C VAL A 273 -11.45 -14.83 14.29
N ASN A 274 -12.05 -13.66 14.46
CA ASN A 274 -13.18 -13.49 15.37
C ASN A 274 -14.38 -12.88 14.65
N PRO A 275 -15.24 -13.73 14.06
CA PRO A 275 -16.44 -13.34 13.31
C PRO A 275 -17.43 -12.39 13.98
N THR A 276 -17.36 -12.28 15.31
CA THR A 276 -18.28 -11.39 16.01
C THR A 276 -17.73 -9.98 16.19
N LEU A 277 -16.48 -9.78 15.79
CA LEU A 277 -15.86 -8.46 15.94
C LEU A 277 -15.92 -7.65 14.66
N GLY A 278 -16.59 -8.16 13.63
CA GLY A 278 -16.69 -7.39 12.41
C GLY A 278 -17.76 -6.33 12.58
N LYS A 279 -17.42 -5.06 12.31
CA LYS A 279 -18.39 -3.97 12.45
C LYS A 279 -19.54 -4.11 11.46
N THR A 280 -19.24 -4.66 10.28
CA THR A 280 -20.28 -4.88 9.28
C THR A 280 -20.05 -6.27 8.72
N PRO A 281 -21.13 -6.93 8.26
CA PRO A 281 -20.98 -8.27 7.70
C PRO A 281 -19.82 -8.36 6.72
N GLU A 282 -19.66 -7.32 5.92
CA GLU A 282 -18.59 -7.27 4.96
C GLU A 282 -17.20 -7.40 5.64
N GLU A 283 -16.99 -6.68 6.74
CA GLU A 283 -15.70 -6.75 7.44
C GLU A 283 -15.37 -8.18 7.80
N VAL A 284 -16.38 -8.98 8.13
CA VAL A 284 -16.08 -10.34 8.49
C VAL A 284 -15.80 -11.19 7.26
N THR A 285 -16.51 -10.92 6.18
CA THR A 285 -16.30 -11.63 4.94
C THR A 285 -14.90 -11.31 4.45
N ARG A 286 -14.51 -10.05 4.56
CA ARG A 286 -13.18 -9.61 4.14
C ARG A 286 -12.14 -10.49 4.86
N THR A 287 -12.18 -10.45 6.19
CA THR A 287 -11.27 -11.19 7.07
C THR A 287 -11.22 -12.69 6.85
N VAL A 288 -12.37 -13.33 6.69
CA VAL A 288 -12.44 -14.76 6.46
C VAL A 288 -11.88 -15.09 5.09
N ASN A 289 -12.34 -14.33 4.09
CA ASN A 289 -11.86 -14.53 2.73
C ASN A 289 -10.36 -14.49 2.64
N THR A 290 -9.73 -13.49 3.28
CA THR A 290 -8.28 -13.39 3.16
C THR A 290 -7.54 -14.46 3.95
N ALA A 291 -8.17 -14.98 5.00
CA ALA A 291 -7.55 -16.05 5.78
C ALA A 291 -7.60 -17.30 4.90
N VAL A 292 -8.76 -17.54 4.29
CA VAL A 292 -8.95 -18.67 3.39
C VAL A 292 -7.94 -18.61 2.25
N ALA A 293 -7.79 -17.44 1.63
CA ALA A 293 -6.87 -17.26 0.51
C ALA A 293 -5.44 -17.57 0.92
N LEU A 294 -5.02 -16.99 2.05
CA LEU A 294 -3.67 -17.22 2.54
C LEU A 294 -3.42 -18.71 2.66
N THR A 295 -4.36 -19.42 3.26
CA THR A 295 -4.19 -20.85 3.43
C THR A 295 -4.04 -21.57 2.10
N LEU A 296 -4.94 -21.28 1.15
CA LEU A 296 -4.88 -21.91 -0.18
C LEU A 296 -3.52 -21.59 -0.81
N SER A 297 -3.02 -20.39 -0.50
CA SER A 297 -1.75 -19.92 -1.01
C SER A 297 -0.61 -20.76 -0.46
N CYS A 298 -0.77 -21.22 0.77
CA CYS A 298 0.23 -22.04 1.44
C CYS A 298 0.37 -23.39 0.76
N PHE A 299 -0.72 -23.84 0.13
CA PHE A 299 -0.75 -25.14 -0.53
C PHE A 299 -0.81 -25.11 -2.05
N GLY A 300 -0.08 -24.19 -2.68
CA GLY A 300 -0.08 -24.17 -4.14
C GLY A 300 -0.66 -23.03 -4.96
N THR A 301 -1.87 -22.60 -4.66
CA THR A 301 -2.50 -21.53 -5.42
C THR A 301 -1.57 -20.33 -5.61
N LYS A 302 -1.27 -20.02 -6.86
CA LYS A 302 -0.39 -18.90 -7.19
C LYS A 302 -1.24 -17.82 -7.85
N ARG A 303 -0.81 -16.57 -7.69
CA ARG A 303 -1.53 -15.47 -8.28
C ARG A 303 -1.24 -15.42 -9.78
N GLU A 304 -0.13 -16.03 -10.20
CA GLU A 304 0.22 -16.04 -11.63
C GLU A 304 -0.65 -17.06 -12.36
N GLY A 305 -1.23 -18.01 -11.61
CA GLY A 305 -2.09 -19.01 -12.20
C GLY A 305 -1.70 -20.45 -11.92
N ASN A 306 -2.66 -21.35 -12.11
CA ASN A 306 -2.45 -22.78 -11.89
C ASN A 306 -3.14 -23.63 -12.95
N HIS A 307 -2.45 -24.64 -13.46
CA HIS A 307 -3.04 -25.53 -14.45
C HIS A 307 -2.64 -26.95 -14.08
N LYS A 308 -3.51 -27.89 -14.36
CA LYS A 308 -3.22 -29.29 -14.04
C LYS A 308 -2.25 -29.94 -14.98
N PRO A 309 -1.21 -30.57 -14.43
CA PRO A 309 -0.18 -31.26 -15.21
C PRO A 309 -0.76 -32.35 -16.10
N GLU A 310 -0.04 -32.64 -17.19
CA GLU A 310 -0.44 -33.67 -18.13
C GLU A 310 -1.74 -33.41 -18.86
N THR A 311 -2.31 -32.23 -18.70
CA THR A 311 -3.53 -31.92 -19.40
C THR A 311 -3.20 -30.91 -20.48
N ASP A 312 -3.61 -31.19 -21.71
CA ASP A 312 -3.35 -30.29 -22.82
C ASP A 312 -4.63 -29.48 -23.05
N TYR A 313 -4.63 -28.24 -22.56
CA TYR A 313 -5.77 -27.35 -22.69
C TYR A 313 -5.95 -26.85 -24.13
N LEU A 314 -5.16 -27.38 -25.05
CA LEU A 314 -5.28 -26.99 -26.45
C LEU A 314 -5.70 -28.16 -27.36
N LYS B 1 2.64 16.61 -31.09
CA LYS B 1 2.03 15.34 -31.62
C LYS B 1 0.52 15.41 -31.42
N PRO B 2 -0.25 14.74 -32.29
CA PRO B 2 -1.72 14.75 -32.17
C PRO B 2 -2.32 13.53 -31.49
N ILE B 3 -3.44 13.74 -30.80
CA ILE B 3 -4.13 12.66 -30.11
C ILE B 3 -5.53 12.55 -30.67
N GLU B 4 -6.01 11.32 -30.82
CA GLU B 4 -7.36 11.12 -31.32
C GLU B 4 -8.10 10.17 -30.41
N ILE B 5 -9.11 10.70 -29.73
CA ILE B 5 -9.92 9.88 -28.82
C ILE B 5 -10.99 9.17 -29.63
N ILE B 6 -11.10 7.86 -29.45
CA ILE B 6 -12.11 7.09 -30.17
C ILE B 6 -12.94 6.32 -29.16
N GLY B 7 -14.25 6.55 -29.20
CA GLY B 7 -15.14 5.87 -28.27
C GLY B 7 -15.61 4.53 -28.80
N ALA B 8 -15.54 3.53 -27.94
CA ALA B 8 -15.97 2.19 -28.30
C ALA B 8 -16.99 1.68 -27.29
N PRO B 9 -18.17 2.34 -27.19
CA PRO B 9 -19.22 1.95 -26.24
C PRO B 9 -19.78 0.56 -26.55
N PHE B 10 -18.92 -0.45 -26.47
CA PHE B 10 -19.30 -1.83 -26.74
C PHE B 10 -19.38 -2.62 -25.45
N SER B 11 -20.20 -3.67 -25.43
CA SER B 11 -20.34 -4.49 -24.23
C SER B 11 -20.55 -5.99 -24.45
N LYS B 12 -20.92 -6.39 -25.67
CA LYS B 12 -21.17 -7.81 -25.94
C LYS B 12 -19.96 -8.68 -25.68
N GLY B 13 -18.87 -8.07 -25.22
CA GLY B 13 -17.68 -8.85 -24.93
C GLY B 13 -17.83 -9.65 -23.65
N GLN B 14 -18.80 -9.25 -22.84
CA GLN B 14 -19.08 -9.90 -21.55
C GLN B 14 -20.54 -9.69 -21.17
N PRO B 15 -21.04 -10.48 -20.19
CA PRO B 15 -22.41 -10.45 -19.67
C PRO B 15 -22.96 -9.27 -18.88
N ARG B 16 -22.09 -8.41 -18.38
CA ARG B 16 -22.57 -7.29 -17.59
C ARG B 16 -22.86 -6.01 -18.34
N GLY B 17 -24.12 -5.59 -18.33
CA GLY B 17 -24.48 -4.37 -19.02
C GLY B 17 -23.89 -3.14 -18.33
N GLY B 18 -23.61 -2.10 -19.11
CA GLY B 18 -23.06 -0.89 -18.54
C GLY B 18 -21.73 -0.38 -19.08
N VAL B 19 -20.80 -1.29 -19.42
CA VAL B 19 -19.50 -0.87 -19.95
C VAL B 19 -19.63 0.07 -21.14
N GLU B 20 -20.65 -0.15 -21.97
CA GLU B 20 -20.86 0.71 -23.13
C GLU B 20 -20.96 2.19 -22.73
N LYS B 21 -21.37 2.43 -21.47
CA LYS B 21 -21.50 3.78 -20.95
C LYS B 21 -20.14 4.36 -20.55
N GLY B 22 -19.11 3.51 -20.56
CA GLY B 22 -17.77 3.91 -20.19
C GLY B 22 -17.31 5.22 -20.80
N PRO B 23 -17.29 5.32 -22.13
CA PRO B 23 -16.85 6.55 -22.79
C PRO B 23 -17.64 7.79 -22.37
N ALA B 24 -18.95 7.64 -22.21
CA ALA B 24 -19.77 8.78 -21.82
C ALA B 24 -19.29 9.28 -20.47
N ALA B 25 -19.06 8.35 -19.53
CA ALA B 25 -18.59 8.70 -18.19
C ALA B 25 -17.25 9.44 -18.25
N LEU B 26 -16.25 8.79 -18.84
CA LEU B 26 -14.92 9.38 -18.97
C LEU B 26 -14.96 10.78 -19.59
N ARG B 27 -15.85 11.01 -20.54
CA ARG B 27 -15.94 12.35 -21.15
C ARG B 27 -16.59 13.28 -20.13
N LYS B 28 -17.65 12.82 -19.49
CA LYS B 28 -18.34 13.60 -18.45
C LYS B 28 -17.44 14.10 -17.39
N ALA B 29 -16.28 13.46 -17.28
CA ALA B 29 -15.31 13.86 -16.28
C ALA B 29 -14.31 14.87 -16.84
N GLY B 30 -14.49 15.22 -18.10
CA GLY B 30 -13.63 16.18 -18.77
C GLY B 30 -12.33 15.65 -19.36
N LEU B 31 -12.27 14.35 -19.60
CA LEU B 31 -11.08 13.73 -20.17
C LEU B 31 -10.55 14.47 -21.39
N VAL B 32 -11.46 14.91 -22.27
CA VAL B 32 -11.05 15.60 -23.47
C VAL B 32 -10.51 16.99 -23.16
N GLU B 33 -11.21 17.73 -22.30
CA GLU B 33 -10.76 19.08 -21.94
C GLU B 33 -9.43 19.06 -21.21
N LYS B 34 -9.31 18.16 -20.24
CA LYS B 34 -8.08 18.04 -19.46
C LYS B 34 -6.89 17.68 -20.36
N LEU B 35 -7.13 16.91 -21.39
CA LEU B 35 -6.04 16.54 -22.29
C LEU B 35 -5.56 17.75 -23.05
N LYS B 36 -6.49 18.61 -23.50
CA LYS B 36 -6.10 19.79 -24.25
C LYS B 36 -5.17 20.68 -23.44
N GLU B 37 -5.14 20.47 -22.14
CA GLU B 37 -4.27 21.27 -21.30
C GLU B 37 -2.85 20.77 -21.35
N THR B 38 -2.63 19.65 -22.02
CA THR B 38 -1.29 19.10 -22.16
C THR B 38 -0.64 19.64 -23.42
N GLU B 39 0.59 19.22 -23.68
CA GLU B 39 1.33 19.68 -24.85
C GLU B 39 0.89 19.00 -26.15
N TYR B 40 -0.16 18.19 -26.08
CA TYR B 40 -0.65 17.50 -27.28
C TYR B 40 -1.88 18.15 -27.86
N ASN B 41 -2.04 17.99 -29.18
CA ASN B 41 -3.19 18.51 -29.90
C ASN B 41 -4.20 17.39 -29.81
N VAL B 42 -5.40 17.70 -29.35
CA VAL B 42 -6.42 16.68 -29.17
C VAL B 42 -7.62 16.80 -30.08
N ARG B 43 -8.02 15.67 -30.66
CA ARG B 43 -9.18 15.66 -31.54
C ARG B 43 -10.06 14.49 -31.11
N ASP B 44 -11.34 14.78 -30.89
CA ASP B 44 -12.29 13.75 -30.47
C ASP B 44 -13.02 13.28 -31.73
N HIS B 45 -12.89 11.99 -32.03
CA HIS B 45 -13.51 11.39 -33.21
C HIS B 45 -14.97 11.02 -32.91
N GLY B 46 -15.32 11.04 -31.62
CA GLY B 46 -16.67 10.71 -31.21
C GLY B 46 -16.77 9.22 -30.94
N ASP B 47 -17.98 8.73 -30.66
CA ASP B 47 -18.18 7.32 -30.42
C ASP B 47 -18.60 6.65 -31.72
N LEU B 48 -18.11 5.44 -31.93
CA LEU B 48 -18.46 4.68 -33.11
C LEU B 48 -19.83 4.10 -32.84
N ALA B 49 -20.62 3.88 -33.89
CA ALA B 49 -21.93 3.29 -33.73
C ALA B 49 -21.85 1.86 -34.24
N PHE B 50 -22.03 0.92 -33.34
CA PHE B 50 -21.94 -0.48 -33.72
C PHE B 50 -23.28 -1.08 -34.13
N VAL B 51 -23.32 -1.61 -35.35
CA VAL B 51 -24.52 -2.24 -35.91
C VAL B 51 -24.69 -3.61 -35.25
N ASP B 52 -25.86 -3.82 -34.64
CA ASP B 52 -26.11 -5.07 -33.95
C ASP B 52 -26.47 -6.24 -34.87
N VAL B 53 -25.65 -7.28 -34.85
CA VAL B 53 -25.89 -8.45 -35.69
C VAL B 53 -27.11 -9.22 -35.17
N PRO B 54 -28.18 -9.27 -35.98
CA PRO B 54 -29.37 -10.00 -35.55
C PRO B 54 -29.16 -11.50 -35.66
N ASN B 55 -29.72 -12.26 -34.73
CA ASN B 55 -29.61 -13.71 -34.77
C ASN B 55 -28.18 -14.21 -34.62
N ASP B 56 -27.42 -13.56 -33.74
CA ASP B 56 -26.02 -13.92 -33.49
C ASP B 56 -25.95 -15.15 -32.57
N SER B 57 -26.08 -16.32 -33.17
CA SER B 57 -26.03 -17.60 -32.45
C SER B 57 -24.63 -17.89 -31.92
N PRO B 58 -24.53 -18.46 -30.70
CA PRO B 58 -23.25 -18.80 -30.08
C PRO B 58 -22.47 -19.84 -30.88
N PHE B 59 -21.15 -19.65 -30.94
CA PHE B 59 -20.26 -20.57 -31.66
C PHE B 59 -19.73 -21.54 -30.63
N GLN B 60 -20.29 -22.74 -30.59
CA GLN B 60 -19.88 -23.72 -29.59
C GLN B 60 -20.18 -23.06 -28.24
N ILE B 61 -19.20 -22.38 -27.64
CA ILE B 61 -19.42 -21.70 -26.34
C ILE B 61 -19.34 -20.17 -26.42
N VAL B 62 -18.57 -19.66 -27.38
CA VAL B 62 -18.41 -18.21 -27.56
C VAL B 62 -19.75 -17.51 -27.78
N LYS B 63 -19.94 -16.37 -27.11
CA LYS B 63 -21.19 -15.61 -27.21
C LYS B 63 -21.11 -14.37 -28.08
N ASN B 64 -22.19 -14.08 -28.79
CA ASN B 64 -22.26 -12.92 -29.68
C ASN B 64 -21.00 -12.76 -30.51
N PRO B 65 -20.47 -13.85 -31.10
CA PRO B 65 -19.26 -13.77 -31.91
C PRO B 65 -19.34 -12.82 -33.11
N ARG B 66 -20.46 -12.85 -33.82
CA ARG B 66 -20.63 -11.99 -34.99
C ARG B 66 -20.72 -10.52 -34.61
N SER B 67 -21.35 -10.22 -33.47
CA SER B 67 -21.46 -8.83 -33.03
C SER B 67 -20.09 -8.31 -32.63
N VAL B 68 -19.36 -9.11 -31.87
CA VAL B 68 -18.03 -8.74 -31.41
C VAL B 68 -17.05 -8.67 -32.59
N GLY B 69 -17.19 -9.60 -33.52
CA GLY B 69 -16.30 -9.60 -34.66
C GLY B 69 -16.47 -8.38 -35.55
N LYS B 70 -17.71 -7.96 -35.76
CA LYS B 70 -18.00 -6.84 -36.61
C LYS B 70 -17.60 -5.52 -35.96
N ALA B 71 -17.88 -5.40 -34.67
CA ALA B 71 -17.55 -4.17 -33.93
C ALA B 71 -16.04 -3.93 -33.98
N ASN B 72 -15.26 -4.98 -33.74
CA ASN B 72 -13.82 -4.87 -33.77
C ASN B 72 -13.29 -4.54 -35.17
N GLU B 73 -13.87 -5.17 -36.19
CA GLU B 73 -13.45 -4.90 -37.57
C GLU B 73 -13.66 -3.43 -37.86
N GLN B 74 -14.78 -2.88 -37.40
CA GLN B 74 -15.09 -1.47 -37.60
C GLN B 74 -14.03 -0.59 -36.89
N LEU B 75 -13.73 -0.89 -35.63
CA LEU B 75 -12.75 -0.13 -34.86
C LEU B 75 -11.36 -0.18 -35.50
N ALA B 76 -10.91 -1.38 -35.83
CA ALA B 76 -9.61 -1.55 -36.48
C ALA B 76 -9.48 -0.66 -37.71
N ALA B 77 -10.59 -0.49 -38.45
CA ALA B 77 -10.55 0.36 -39.62
C ALA B 77 -10.22 1.78 -39.20
N VAL B 78 -10.98 2.29 -38.23
CA VAL B 78 -10.80 3.65 -37.73
C VAL B 78 -9.43 3.90 -37.10
N VAL B 79 -8.93 2.94 -36.31
CA VAL B 79 -7.64 3.09 -35.67
C VAL B 79 -6.52 3.13 -36.70
N ALA B 80 -6.63 2.27 -37.71
CA ALA B 80 -5.61 2.20 -38.77
C ALA B 80 -5.58 3.56 -39.47
N GLU B 81 -6.76 4.13 -39.67
CA GLU B 81 -6.91 5.42 -40.35
C GLU B 81 -6.21 6.58 -39.62
N THR B 82 -6.40 6.66 -38.30
CA THR B 82 -5.80 7.71 -37.51
C THR B 82 -4.30 7.49 -37.32
N GLN B 83 -3.90 6.23 -37.21
CA GLN B 83 -2.48 5.92 -37.05
C GLN B 83 -1.75 6.31 -38.34
N LYS B 84 -2.40 6.04 -39.47
CA LYS B 84 -1.84 6.41 -40.76
C LYS B 84 -1.56 7.90 -40.85
N ASN B 85 -2.39 8.69 -40.17
CA ASN B 85 -2.19 10.12 -40.16
C ASN B 85 -1.22 10.53 -39.08
N GLY B 86 -0.44 9.55 -38.62
CA GLY B 86 0.55 9.81 -37.60
C GLY B 86 0.04 10.36 -36.27
N THR B 87 -1.19 10.04 -35.89
CA THR B 87 -1.73 10.52 -34.62
C THR B 87 -1.72 9.35 -33.62
N ILE B 88 -1.66 9.66 -32.33
CA ILE B 88 -1.69 8.61 -31.32
C ILE B 88 -3.16 8.34 -31.03
N SER B 89 -3.56 7.07 -31.11
CA SER B 89 -4.95 6.71 -30.85
C SER B 89 -5.22 6.31 -29.40
N VAL B 90 -6.31 6.86 -28.86
CA VAL B 90 -6.73 6.55 -27.49
C VAL B 90 -8.15 6.00 -27.51
N VAL B 91 -8.26 4.68 -27.39
CA VAL B 91 -9.57 4.01 -27.40
C VAL B 91 -10.22 3.90 -26.02
N LEU B 92 -11.46 4.41 -25.92
CA LEU B 92 -12.22 4.37 -24.67
C LEU B 92 -13.18 3.19 -24.74
N GLY B 93 -13.01 2.21 -23.83
CA GLY B 93 -13.86 1.04 -23.81
C GLY B 93 -15.18 1.25 -23.07
N GLY B 94 -16.23 0.55 -23.54
CA GLY B 94 -16.59 -0.77 -23.08
C GLY B 94 -15.56 -1.80 -22.66
N ASP B 95 -15.94 -3.07 -22.81
CA ASP B 95 -15.09 -4.19 -22.42
C ASP B 95 -13.81 -4.33 -23.22
N HIS B 96 -12.92 -5.17 -22.71
CA HIS B 96 -11.62 -5.39 -23.31
C HIS B 96 -11.59 -6.09 -24.66
N SER B 97 -12.68 -6.72 -25.07
CA SER B 97 -12.67 -7.44 -26.33
C SER B 97 -12.56 -6.49 -27.53
N MET B 98 -12.53 -5.19 -27.26
CA MET B 98 -12.41 -4.19 -28.30
C MET B 98 -10.93 -3.98 -28.60
N ALA B 99 -10.10 -4.68 -27.84
CA ALA B 99 -8.64 -4.58 -27.99
C ALA B 99 -8.23 -5.29 -29.27
N ILE B 100 -9.01 -6.27 -29.68
CA ILE B 100 -8.74 -7.05 -30.88
C ILE B 100 -8.55 -6.09 -32.05
N GLY B 101 -9.56 -5.25 -32.29
CA GLY B 101 -9.47 -4.31 -33.38
C GLY B 101 -8.58 -3.11 -33.09
N SER B 102 -8.47 -2.71 -31.83
CA SER B 102 -7.66 -1.54 -31.50
C SER B 102 -6.21 -1.83 -31.83
N ILE B 103 -5.74 -3.00 -31.38
CA ILE B 103 -4.36 -3.41 -31.64
C ILE B 103 -4.16 -3.78 -33.10
N SER B 104 -5.14 -4.47 -33.69
CA SER B 104 -5.09 -4.87 -35.08
C SER B 104 -4.87 -3.64 -35.97
N GLY B 105 -5.77 -2.68 -35.87
CA GLY B 105 -5.65 -1.47 -36.66
C GLY B 105 -4.24 -0.95 -36.50
N HIS B 106 -3.89 -0.66 -35.25
CA HIS B 106 -2.57 -0.15 -34.91
C HIS B 106 -1.48 -0.95 -35.63
N ALA B 107 -1.56 -2.27 -35.52
CA ALA B 107 -0.57 -3.14 -36.13
C ALA B 107 -0.42 -2.89 -37.62
N ARG B 108 -1.53 -2.64 -38.30
CA ARG B 108 -1.51 -2.39 -39.74
C ARG B 108 -0.57 -1.29 -40.16
N VAL B 109 -0.51 -0.22 -39.37
CA VAL B 109 0.34 0.93 -39.64
C VAL B 109 1.71 0.78 -39.02
N HIS B 110 1.76 0.08 -37.88
CA HIS B 110 3.01 -0.14 -37.19
C HIS B 110 3.13 -1.61 -36.83
N PRO B 111 3.60 -2.44 -37.78
CA PRO B 111 3.76 -3.87 -37.60
C PRO B 111 4.82 -4.28 -36.58
N ASP B 112 5.64 -3.33 -36.12
CA ASP B 112 6.67 -3.68 -35.14
C ASP B 112 6.39 -3.22 -33.71
N LEU B 113 5.12 -2.95 -33.40
CA LEU B 113 4.74 -2.48 -32.08
C LEU B 113 4.84 -3.58 -31.03
N CYS B 114 4.96 -3.17 -29.78
CA CYS B 114 5.00 -4.11 -28.67
C CYS B 114 3.78 -3.76 -27.78
N VAL B 115 3.27 -4.75 -27.08
CA VAL B 115 2.09 -4.52 -26.26
C VAL B 115 2.37 -4.66 -24.80
N ILE B 116 1.98 -3.63 -24.03
CA ILE B 116 2.13 -3.65 -22.57
C ILE B 116 0.68 -3.75 -22.11
N TRP B 117 0.37 -4.86 -21.46
CA TRP B 117 -1.00 -5.16 -21.05
C TRP B 117 -1.17 -5.13 -19.54
N VAL B 118 -1.68 -4.01 -19.02
CA VAL B 118 -1.88 -3.91 -17.58
C VAL B 118 -3.27 -4.47 -17.31
N ASP B 119 -3.30 -5.59 -16.61
CA ASP B 119 -4.57 -6.24 -16.37
C ASP B 119 -4.37 -7.22 -15.22
N ALA B 120 -5.46 -7.62 -14.59
CA ALA B 120 -5.39 -8.60 -13.52
C ALA B 120 -5.55 -9.93 -14.24
N HIS B 121 -6.01 -9.84 -15.47
CA HIS B 121 -6.26 -10.98 -16.31
C HIS B 121 -5.43 -11.01 -17.58
N THR B 122 -5.13 -12.23 -18.03
CA THR B 122 -4.34 -12.45 -19.24
C THR B 122 -5.19 -12.29 -20.50
N ASP B 123 -6.50 -12.57 -20.39
CA ASP B 123 -7.43 -12.45 -21.52
C ASP B 123 -6.92 -13.22 -22.73
N ILE B 124 -6.36 -14.39 -22.47
CA ILE B 124 -5.79 -15.18 -23.53
C ILE B 124 -6.48 -16.54 -23.76
N ASN B 125 -7.69 -16.67 -23.23
CA ASN B 125 -8.43 -17.91 -23.42
C ASN B 125 -8.80 -18.03 -24.88
N THR B 126 -8.72 -19.25 -25.41
CA THR B 126 -9.08 -19.49 -26.80
C THR B 126 -10.54 -19.92 -26.80
N PRO B 127 -11.19 -19.90 -27.97
CA PRO B 127 -12.60 -20.32 -27.99
C PRO B 127 -12.79 -21.71 -27.38
N LEU B 128 -11.70 -22.48 -27.35
CA LEU B 128 -11.75 -23.82 -26.80
C LEU B 128 -11.47 -23.92 -25.29
N THR B 129 -10.80 -22.92 -24.72
CA THR B 129 -10.48 -22.98 -23.30
C THR B 129 -11.31 -22.12 -22.38
N THR B 130 -12.28 -21.38 -22.89
CA THR B 130 -13.07 -20.55 -21.99
C THR B 130 -14.14 -21.36 -21.24
N SER B 131 -14.37 -21.00 -19.98
CA SER B 131 -15.38 -21.67 -19.16
C SER B 131 -16.66 -20.91 -19.45
N SER B 132 -16.49 -19.67 -19.87
CA SER B 132 -17.61 -18.81 -20.22
C SER B 132 -17.28 -18.48 -21.67
N GLY B 133 -18.28 -18.15 -22.47
CA GLY B 133 -17.98 -17.83 -23.85
C GLY B 133 -17.66 -16.36 -24.00
N ASN B 134 -17.39 -15.71 -22.87
CA ASN B 134 -17.10 -14.28 -22.89
C ASN B 134 -15.80 -13.93 -23.59
N LEU B 135 -15.92 -13.27 -24.74
CA LEU B 135 -14.79 -12.86 -25.55
C LEU B 135 -13.91 -11.77 -24.95
N HIS B 136 -14.43 -11.01 -24.00
CA HIS B 136 -13.59 -9.97 -23.40
C HIS B 136 -12.47 -10.68 -22.66
N GLY B 137 -12.55 -12.00 -22.64
CA GLY B 137 -11.51 -12.79 -21.98
C GLY B 137 -10.69 -13.58 -22.98
N GLN B 138 -10.83 -13.25 -24.25
CA GLN B 138 -10.08 -13.94 -25.29
C GLN B 138 -9.37 -13.06 -26.32
N PRO B 139 -9.34 -11.73 -26.12
CA PRO B 139 -8.67 -10.83 -27.07
C PRO B 139 -7.27 -11.22 -27.57
N VAL B 140 -6.33 -11.47 -26.66
CA VAL B 140 -4.96 -11.80 -27.04
C VAL B 140 -4.84 -13.10 -27.81
N ALA B 141 -5.81 -13.99 -27.63
CA ALA B 141 -5.79 -15.28 -28.32
C ALA B 141 -6.06 -15.10 -29.81
N PHE B 142 -6.70 -13.99 -30.18
CA PHE B 142 -7.01 -13.71 -31.58
C PHE B 142 -5.88 -12.93 -32.21
N LEU B 143 -5.05 -12.33 -31.37
CA LEU B 143 -3.96 -11.52 -31.86
C LEU B 143 -2.60 -12.23 -31.96
N LEU B 144 -2.41 -13.28 -31.17
CA LEU B 144 -1.15 -14.03 -31.19
C LEU B 144 -0.93 -14.94 -32.37
N LYS B 145 0.20 -14.74 -33.04
CA LYS B 145 0.57 -15.55 -34.20
C LYS B 145 0.76 -17.01 -33.77
N GLU B 146 1.36 -17.22 -32.61
CA GLU B 146 1.60 -18.55 -32.08
C GLU B 146 0.33 -19.34 -31.77
N LEU B 147 -0.79 -18.63 -31.67
CA LEU B 147 -2.06 -19.29 -31.36
C LEU B 147 -2.92 -19.46 -32.59
N LYS B 148 -2.36 -19.13 -33.74
CA LYS B 148 -3.08 -19.25 -35.00
C LYS B 148 -3.45 -20.69 -35.35
N GLY B 149 -4.75 -20.92 -35.56
CA GLY B 149 -5.23 -22.24 -35.90
C GLY B 149 -5.32 -23.22 -34.76
N LYS B 150 -4.91 -22.80 -33.58
CA LYS B 150 -4.96 -23.69 -32.43
C LYS B 150 -6.40 -23.74 -31.91
N PHE B 151 -7.30 -23.18 -32.72
CA PHE B 151 -8.72 -23.17 -32.39
C PHE B 151 -9.50 -22.96 -33.67
N PRO B 152 -10.77 -23.42 -33.72
CA PRO B 152 -11.58 -23.25 -34.91
C PRO B 152 -11.83 -21.76 -35.23
N ASP B 153 -12.12 -21.46 -36.49
CA ASP B 153 -12.40 -20.07 -36.86
C ASP B 153 -13.74 -19.68 -36.23
N VAL B 154 -13.88 -18.39 -35.90
CA VAL B 154 -15.10 -17.91 -35.28
C VAL B 154 -15.83 -16.94 -36.17
N PRO B 155 -17.15 -17.16 -36.32
CA PRO B 155 -18.01 -16.31 -37.14
C PRO B 155 -17.85 -14.82 -36.83
N GLY B 156 -17.28 -14.09 -37.77
CA GLY B 156 -17.09 -12.66 -37.59
C GLY B 156 -15.64 -12.20 -37.42
N PHE B 157 -14.73 -13.13 -37.22
CA PHE B 157 -13.33 -12.77 -37.02
C PHE B 157 -12.39 -13.12 -38.16
N SER B 158 -12.94 -13.55 -39.29
CA SER B 158 -12.10 -13.90 -40.42
C SER B 158 -11.11 -12.81 -40.83
N TRP B 159 -11.53 -11.55 -40.69
CA TRP B 159 -10.70 -10.39 -41.05
C TRP B 159 -9.46 -10.20 -40.17
N VAL B 160 -9.45 -10.80 -38.99
CA VAL B 160 -8.33 -10.66 -38.09
C VAL B 160 -7.10 -11.41 -38.57
N THR B 161 -5.94 -10.78 -38.40
CA THR B 161 -4.68 -11.38 -38.84
C THR B 161 -3.73 -11.30 -37.63
N PRO B 162 -3.36 -12.46 -37.06
CA PRO B 162 -2.45 -12.43 -35.90
C PRO B 162 -1.29 -11.49 -36.18
N CYS B 163 -1.25 -10.39 -35.46
CA CYS B 163 -0.21 -9.39 -35.69
C CYS B 163 0.98 -9.32 -34.74
N ILE B 164 0.85 -9.87 -33.54
CA ILE B 164 1.98 -9.85 -32.60
C ILE B 164 2.30 -11.25 -32.07
N SER B 165 3.57 -11.48 -31.74
CA SER B 165 4.00 -12.76 -31.23
C SER B 165 4.27 -12.70 -29.73
N ALA B 166 4.32 -13.87 -29.11
CA ALA B 166 4.54 -14.01 -27.67
C ALA B 166 5.74 -13.22 -27.17
N LYS B 167 6.51 -12.71 -28.11
CA LYS B 167 7.71 -11.96 -27.78
C LYS B 167 7.49 -10.48 -27.70
N ASP B 168 6.35 -10.05 -28.24
CA ASP B 168 6.06 -8.63 -28.28
C ASP B 168 5.04 -8.17 -27.24
N ILE B 169 4.76 -9.01 -26.26
CA ILE B 169 3.80 -8.66 -25.23
C ILE B 169 4.30 -8.88 -23.82
N VAL B 170 3.92 -7.95 -22.93
CA VAL B 170 4.31 -8.01 -21.52
C VAL B 170 3.10 -7.69 -20.66
N TYR B 171 2.80 -8.58 -19.72
CA TYR B 171 1.68 -8.45 -18.80
C TYR B 171 2.14 -7.90 -17.47
N ILE B 172 1.34 -7.02 -16.87
CA ILE B 172 1.68 -6.47 -15.56
C ILE B 172 0.41 -6.40 -14.74
N GLY B 173 0.43 -7.06 -13.58
CA GLY B 173 -0.71 -7.03 -12.67
C GLY B 173 -1.43 -8.35 -12.60
N LEU B 174 -0.98 -9.33 -13.38
CA LEU B 174 -1.59 -10.65 -13.44
C LEU B 174 -1.88 -11.26 -12.09
N ARG B 175 -3.12 -11.67 -11.91
CA ARG B 175 -3.47 -12.30 -10.64
C ARG B 175 -4.81 -13.03 -10.58
N ASP B 176 -5.34 -13.43 -11.71
CA ASP B 176 -6.55 -14.21 -11.72
C ASP B 176 -6.57 -14.87 -13.07
N VAL B 177 -5.65 -15.82 -13.22
CA VAL B 177 -5.47 -16.55 -14.47
C VAL B 177 -6.13 -17.91 -14.40
N ASP B 178 -6.74 -18.32 -15.51
CA ASP B 178 -7.38 -19.63 -15.58
C ASP B 178 -6.31 -20.67 -15.86
N PRO B 179 -6.60 -21.94 -15.55
CA PRO B 179 -5.61 -23.00 -15.81
C PRO B 179 -5.16 -23.00 -17.27
N GLY B 180 -6.13 -23.05 -18.18
CA GLY B 180 -5.81 -23.06 -19.60
C GLY B 180 -4.88 -21.92 -19.96
N GLU B 181 -5.23 -20.72 -19.51
CA GLU B 181 -4.43 -19.53 -19.78
C GLU B 181 -3.02 -19.67 -19.25
N HIS B 182 -2.90 -20.08 -17.98
CA HIS B 182 -1.59 -20.25 -17.37
C HIS B 182 -0.73 -21.24 -18.12
N TYR B 183 -1.38 -22.22 -18.77
CA TYR B 183 -0.68 -23.23 -19.57
C TYR B 183 -0.12 -22.51 -20.81
N ILE B 184 -1.01 -21.79 -21.46
CA ILE B 184 -0.65 -21.04 -22.65
C ILE B 184 0.54 -20.10 -22.44
N ILE B 185 0.50 -19.27 -21.39
CA ILE B 185 1.58 -18.32 -21.16
C ILE B 185 2.89 -18.97 -20.73
N LYS B 186 2.82 -20.14 -20.11
CA LYS B 186 4.01 -20.85 -19.70
C LYS B 186 4.59 -21.55 -20.92
N THR B 187 3.71 -22.16 -21.71
CA THR B 187 4.09 -22.86 -22.93
C THR B 187 4.70 -21.95 -23.97
N LEU B 188 4.04 -20.82 -24.24
CA LEU B 188 4.53 -19.87 -25.24
C LEU B 188 5.69 -19.01 -24.76
N GLY B 189 6.02 -19.08 -23.48
CA GLY B 189 7.12 -18.30 -22.94
C GLY B 189 6.87 -16.80 -22.86
N ILE B 190 5.60 -16.41 -22.74
CA ILE B 190 5.23 -15.00 -22.62
C ILE B 190 5.79 -14.36 -21.34
N LYS B 191 6.27 -13.13 -21.46
CA LYS B 191 6.83 -12.41 -20.31
C LYS B 191 5.71 -11.75 -19.51
N TYR B 192 5.75 -11.91 -18.20
CA TYR B 192 4.73 -11.34 -17.36
C TYR B 192 5.24 -11.06 -15.96
N PHE B 193 4.62 -10.09 -15.32
CA PHE B 193 4.93 -9.70 -13.94
C PHE B 193 3.61 -9.80 -13.22
N SER B 194 3.37 -10.91 -12.55
CA SER B 194 2.13 -11.08 -11.80
C SER B 194 2.30 -10.25 -10.56
N MET B 195 1.25 -10.16 -9.74
CA MET B 195 1.34 -9.40 -8.52
C MET B 195 2.50 -9.85 -7.65
N THR B 196 2.79 -11.15 -7.65
CA THR B 196 3.91 -11.64 -6.85
C THR B 196 5.28 -11.12 -7.33
N GLU B 197 5.43 -10.83 -8.62
CA GLU B 197 6.71 -10.30 -9.10
C GLU B 197 6.78 -8.83 -8.76
N VAL B 198 5.63 -8.14 -8.84
CA VAL B 198 5.62 -6.71 -8.49
C VAL B 198 5.98 -6.60 -7.01
N ASP B 199 5.43 -7.48 -6.17
CA ASP B 199 5.74 -7.45 -4.74
C ASP B 199 7.23 -7.71 -4.56
N LYS B 200 7.74 -8.76 -5.22
CA LYS B 200 9.13 -9.12 -5.07
C LYS B 200 10.07 -8.00 -5.56
N LEU B 201 9.86 -7.52 -6.78
CA LEU B 201 10.74 -6.52 -7.40
C LEU B 201 10.51 -5.04 -7.13
N GLY B 202 9.27 -4.62 -7.04
CA GLY B 202 8.97 -3.21 -6.87
C GLY B 202 8.53 -2.73 -8.24
N ILE B 203 7.53 -1.85 -8.29
CA ILE B 203 7.05 -1.40 -9.56
C ILE B 203 8.13 -0.79 -10.39
N GLY B 204 9.13 -0.22 -9.73
CA GLY B 204 10.23 0.42 -10.42
C GLY B 204 11.10 -0.53 -11.20
N LYS B 205 11.56 -1.60 -10.55
CA LYS B 205 12.39 -2.58 -11.23
C LYS B 205 11.59 -3.23 -12.35
N VAL B 206 10.31 -3.45 -12.09
CA VAL B 206 9.44 -4.09 -13.07
C VAL B 206 9.42 -3.28 -14.37
N MET B 207 9.14 -2.00 -14.27
CA MET B 207 9.06 -1.16 -15.45
C MET B 207 10.37 -1.17 -16.16
N GLU B 208 11.45 -1.20 -15.39
CA GLU B 208 12.78 -1.19 -15.93
C GLU B 208 12.98 -2.43 -16.82
N GLU B 209 12.64 -3.59 -16.27
CA GLU B 209 12.77 -4.83 -17.02
C GLU B 209 11.89 -4.87 -18.26
N THR B 210 10.59 -4.57 -18.12
CA THR B 210 9.71 -4.64 -19.29
C THR B 210 10.24 -3.85 -20.49
N PHE B 211 10.91 -2.73 -20.23
CA PHE B 211 11.44 -1.93 -21.33
C PHE B 211 12.68 -2.55 -21.98
N SER B 212 13.61 -3.02 -21.16
CA SER B 212 14.81 -3.62 -21.70
C SER B 212 14.42 -4.92 -22.42
N TYR B 213 13.30 -5.49 -22.00
CA TYR B 213 12.82 -6.73 -22.61
C TYR B 213 12.12 -6.52 -23.94
N LEU B 214 11.42 -5.39 -24.06
CA LEU B 214 10.68 -5.08 -25.29
C LEU B 214 11.36 -4.05 -26.17
N LEU B 215 12.31 -3.32 -25.59
CA LEU B 215 13.01 -2.27 -26.31
C LEU B 215 14.51 -2.43 -26.26
N GLY B 216 14.97 -3.45 -25.55
CA GLY B 216 16.40 -3.67 -25.44
C GLY B 216 17.12 -3.55 -26.78
N ARG B 217 16.61 -4.29 -27.77
CA ARG B 217 17.21 -4.29 -29.09
C ARG B 217 16.74 -3.17 -29.97
N LYS B 218 15.46 -3.21 -30.32
CA LYS B 218 14.94 -2.17 -31.16
C LYS B 218 13.87 -1.32 -30.49
N LYS B 219 14.01 -0.01 -30.68
CA LYS B 219 13.09 0.96 -30.15
C LYS B 219 11.88 0.79 -31.06
N ARG B 220 10.69 0.64 -30.51
CA ARG B 220 9.51 0.52 -31.36
C ARG B 220 8.27 1.13 -30.74
N PRO B 221 7.22 1.35 -31.55
CA PRO B 221 5.98 1.94 -31.05
C PRO B 221 5.40 1.07 -29.93
N ILE B 222 4.81 1.70 -28.92
CA ILE B 222 4.24 0.97 -27.79
C ILE B 222 2.71 1.01 -27.75
N HIS B 223 2.07 -0.13 -27.55
CA HIS B 223 0.61 -0.12 -27.43
C HIS B 223 0.25 -0.50 -26.01
N LEU B 224 -0.27 0.46 -25.25
CA LEU B 224 -0.66 0.20 -23.85
C LEU B 224 -2.15 -0.14 -23.78
N SER B 225 -2.44 -1.39 -23.44
CA SER B 225 -3.82 -1.83 -23.31
C SER B 225 -4.03 -1.90 -21.79
N PHE B 226 -4.76 -0.92 -21.26
CA PHE B 226 -4.96 -0.82 -19.83
C PHE B 226 -6.32 -1.22 -19.30
N ASP B 227 -6.37 -2.35 -18.63
CA ASP B 227 -7.60 -2.82 -18.04
C ASP B 227 -7.69 -2.21 -16.67
N VAL B 228 -8.64 -1.31 -16.48
CA VAL B 228 -8.84 -0.66 -15.21
C VAL B 228 -8.92 -1.67 -14.05
N ASP B 229 -9.32 -2.91 -14.32
CA ASP B 229 -9.40 -3.89 -13.23
C ASP B 229 -8.02 -4.43 -12.86
N GLY B 230 -6.97 -3.72 -13.29
CA GLY B 230 -5.61 -4.14 -12.97
C GLY B 230 -5.25 -3.52 -11.64
N LEU B 231 -5.86 -2.39 -11.35
CA LEU B 231 -5.62 -1.70 -10.08
C LEU B 231 -6.54 -2.39 -9.08
N ASP B 232 -6.22 -2.27 -7.79
CA ASP B 232 -7.01 -2.91 -6.76
C ASP B 232 -8.40 -2.30 -6.66
N PRO B 233 -9.43 -3.13 -6.40
CA PRO B 233 -10.83 -2.69 -6.27
C PRO B 233 -11.06 -1.44 -5.45
N VAL B 234 -10.17 -1.18 -4.50
CA VAL B 234 -10.25 0.02 -3.67
C VAL B 234 -10.00 1.29 -4.49
N PHE B 235 -9.52 1.14 -5.71
CA PHE B 235 -9.23 2.33 -6.52
C PHE B 235 -10.12 2.41 -7.72
N THR B 236 -10.43 1.26 -8.30
CA THR B 236 -11.28 1.18 -9.48
C THR B 236 -12.35 0.10 -9.26
N PRO B 237 -13.24 0.33 -8.29
CA PRO B 237 -14.30 -0.65 -7.99
C PRO B 237 -15.33 -0.86 -9.08
N ALA B 238 -15.60 0.18 -9.87
CA ALA B 238 -16.60 0.10 -10.93
C ALA B 238 -16.25 -0.79 -12.16
N THR B 239 -15.83 -2.02 -11.91
CA THR B 239 -15.51 -2.94 -13.02
C THR B 239 -16.24 -4.26 -12.90
N GLY B 240 -16.38 -4.94 -14.02
CA GLY B 240 -17.09 -6.21 -14.01
C GLY B 240 -16.37 -7.33 -13.31
N THR B 241 -15.05 -7.33 -13.31
CA THR B 241 -14.33 -8.43 -12.68
C THR B 241 -13.23 -7.99 -11.72
N PRO B 242 -13.61 -7.42 -10.58
CA PRO B 242 -12.61 -6.96 -9.61
C PRO B 242 -11.96 -8.15 -8.89
N VAL B 243 -10.66 -8.04 -8.64
CA VAL B 243 -9.90 -9.07 -7.97
C VAL B 243 -9.03 -8.32 -6.96
N VAL B 244 -9.03 -8.79 -5.73
CA VAL B 244 -8.29 -8.11 -4.68
C VAL B 244 -6.78 -8.30 -4.80
N GLY B 245 -6.04 -7.41 -4.16
CA GLY B 245 -4.59 -7.50 -4.15
C GLY B 245 -3.96 -7.03 -5.44
N GLY B 246 -4.53 -5.99 -6.03
CA GLY B 246 -4.04 -5.49 -7.31
C GLY B 246 -3.14 -4.29 -7.18
N LEU B 247 -2.80 -3.70 -8.31
CA LEU B 247 -1.93 -2.53 -8.35
C LEU B 247 -2.55 -1.32 -7.66
N SER B 248 -1.72 -0.52 -7.00
CA SER B 248 -2.17 0.66 -6.30
C SER B 248 -2.22 1.85 -7.23
N TYR B 249 -3.01 2.85 -6.84
CA TYR B 249 -3.15 4.07 -7.62
C TYR B 249 -1.72 4.56 -8.01
N ARG B 250 -0.83 4.57 -7.04
CA ARG B 250 0.55 5.01 -7.26
C ARG B 250 1.25 4.14 -8.32
N GLU B 251 1.24 2.82 -8.13
CA GLU B 251 1.88 1.99 -9.11
C GLU B 251 1.30 2.23 -10.50
N GLY B 252 -0.03 2.38 -10.59
CA GLY B 252 -0.62 2.59 -11.89
C GLY B 252 -0.08 3.85 -12.57
N LEU B 253 -0.02 4.94 -11.81
CA LEU B 253 0.49 6.19 -12.35
C LEU B 253 1.96 6.06 -12.69
N TYR B 254 2.70 5.28 -11.91
CA TYR B 254 4.12 5.12 -12.20
C TYR B 254 4.27 4.50 -13.59
N ILE B 255 3.61 3.36 -13.79
CA ILE B 255 3.65 2.70 -15.09
C ILE B 255 3.37 3.72 -16.17
N THR B 256 2.22 4.40 -16.10
CA THR B 256 1.90 5.42 -17.12
C THR B 256 2.96 6.52 -17.19
N GLU B 257 3.51 6.95 -16.04
CA GLU B 257 4.53 8.00 -16.06
C GLU B 257 5.78 7.52 -16.78
N GLU B 258 6.14 6.25 -16.59
CA GLU B 258 7.33 5.68 -17.24
C GLU B 258 7.15 5.51 -18.74
N ILE B 259 5.96 5.10 -19.14
CA ILE B 259 5.67 4.92 -20.55
C ILE B 259 5.64 6.27 -21.30
N TYR B 260 5.26 7.34 -20.61
CA TYR B 260 5.24 8.63 -21.29
C TYR B 260 6.71 9.00 -21.56
N LYS B 261 7.52 8.88 -20.52
CA LYS B 261 8.93 9.20 -20.61
C LYS B 261 9.66 8.53 -21.77
N THR B 262 9.18 7.38 -22.23
CA THR B 262 9.83 6.68 -23.35
C THR B 262 9.63 7.40 -24.67
N GLY B 263 8.64 8.28 -24.74
CA GLY B 263 8.36 9.02 -25.97
C GLY B 263 7.80 8.15 -27.08
N LEU B 264 7.60 6.87 -26.78
CA LEU B 264 7.12 5.92 -27.77
C LEU B 264 5.63 5.56 -27.71
N LEU B 265 4.87 6.10 -26.77
CA LEU B 265 3.46 5.73 -26.70
C LEU B 265 2.79 6.00 -28.05
N SER B 266 2.24 4.97 -28.68
CA SER B 266 1.59 5.06 -30.00
C SER B 266 0.09 4.73 -29.98
N GLY B 267 -0.31 3.92 -29.01
CA GLY B 267 -1.71 3.51 -28.92
C GLY B 267 -2.09 3.25 -27.47
N LEU B 268 -3.33 3.56 -27.13
CA LEU B 268 -3.76 3.36 -25.76
C LEU B 268 -5.16 2.80 -25.69
N ASP B 269 -5.45 2.06 -24.62
CA ASP B 269 -6.80 1.52 -24.39
C ASP B 269 -7.09 1.65 -22.90
N ILE B 270 -8.21 2.30 -22.59
CA ILE B 270 -8.69 2.49 -21.23
C ILE B 270 -9.99 1.71 -21.22
N MET B 271 -9.92 0.43 -20.82
CA MET B 271 -11.09 -0.45 -20.84
C MET B 271 -11.70 -0.86 -19.50
N GLU B 272 -12.87 -1.51 -19.63
CA GLU B 272 -13.66 -2.06 -18.53
C GLU B 272 -14.25 -1.09 -17.49
N VAL B 273 -14.32 0.19 -17.79
CA VAL B 273 -14.94 1.09 -16.82
C VAL B 273 -16.44 0.88 -16.96
N ASN B 274 -17.10 0.45 -15.88
CA ASN B 274 -18.53 0.21 -15.94
C ASN B 274 -19.28 1.05 -14.92
N PRO B 275 -19.69 2.26 -15.32
CA PRO B 275 -20.41 3.22 -14.46
C PRO B 275 -21.64 2.69 -13.70
N THR B 276 -22.23 1.60 -14.17
CA THR B 276 -23.39 1.07 -13.48
C THR B 276 -23.04 0.07 -12.37
N LEU B 277 -21.78 -0.35 -12.32
CA LEU B 277 -21.37 -1.31 -11.30
C LEU B 277 -20.84 -0.69 -10.01
N GLY B 278 -20.94 0.63 -9.90
CA GLY B 278 -20.48 1.29 -8.70
C GLY B 278 -21.53 1.18 -7.61
N LYS B 279 -21.16 0.62 -6.46
CA LYS B 279 -22.09 0.47 -5.34
C LYS B 279 -22.59 1.81 -4.77
N THR B 280 -21.74 2.82 -4.85
CA THR B 280 -22.12 4.14 -4.39
C THR B 280 -21.63 5.11 -5.46
N PRO B 281 -22.37 6.20 -5.70
CA PRO B 281 -21.95 7.16 -6.72
C PRO B 281 -20.46 7.47 -6.62
N GLU B 282 -19.97 7.52 -5.39
CA GLU B 282 -18.57 7.81 -5.13
C GLU B 282 -17.69 6.72 -5.77
N GLU B 283 -18.07 5.46 -5.63
CA GLU B 283 -17.27 4.39 -6.23
C GLU B 283 -17.13 4.58 -7.73
N VAL B 284 -18.12 5.18 -8.37
CA VAL B 284 -18.02 5.39 -9.79
C VAL B 284 -17.11 6.58 -10.06
N THR B 285 -17.22 7.61 -9.22
CA THR B 285 -16.38 8.80 -9.36
C THR B 285 -14.93 8.40 -9.13
N ARG B 286 -14.71 7.50 -8.18
CA ARG B 286 -13.38 7.03 -7.86
C ARG B 286 -12.77 6.40 -9.12
N THR B 287 -13.49 5.44 -9.70
CA THR B 287 -13.05 4.68 -10.87
C THR B 287 -12.78 5.51 -12.12
N VAL B 288 -13.66 6.47 -12.39
CA VAL B 288 -13.56 7.35 -13.54
C VAL B 288 -12.39 8.31 -13.38
N ASN B 289 -12.28 8.88 -12.19
CA ASN B 289 -11.20 9.81 -11.92
C ASN B 289 -9.82 9.17 -12.08
N THR B 290 -9.68 7.94 -11.63
CA THR B 290 -8.50 7.23 -11.71
C THR B 290 -8.12 6.96 -13.18
N ALA B 291 -9.13 6.54 -13.91
CA ALA B 291 -8.95 6.27 -15.31
C ALA B 291 -8.49 7.50 -16.00
N VAL B 292 -9.20 8.59 -15.75
CA VAL B 292 -8.83 9.86 -16.35
C VAL B 292 -7.40 10.25 -15.98
N ALA B 293 -7.06 10.15 -14.70
CA ALA B 293 -5.73 10.54 -14.25
C ALA B 293 -4.65 9.75 -15.01
N LEU B 294 -4.82 8.43 -15.10
CA LEU B 294 -3.87 7.55 -15.77
C LEU B 294 -3.68 8.01 -17.22
N THR B 295 -4.77 8.31 -17.90
CA THR B 295 -4.68 8.75 -19.29
C THR B 295 -3.84 10.03 -19.37
N LEU B 296 -4.16 11.02 -18.54
CA LEU B 296 -3.44 12.29 -18.50
C LEU B 296 -1.96 12.02 -18.21
N SER B 297 -1.71 11.03 -17.38
CA SER B 297 -0.37 10.66 -16.98
C SER B 297 0.37 10.12 -18.22
N CYS B 298 -0.35 9.38 -19.06
CA CYS B 298 0.21 8.81 -20.27
C CYS B 298 0.74 9.88 -21.20
N PHE B 299 0.11 11.04 -21.15
CA PHE B 299 0.50 12.12 -22.03
C PHE B 299 1.21 13.32 -21.39
N GLY B 300 2.05 13.09 -20.39
CA GLY B 300 2.77 14.22 -19.82
C GLY B 300 2.61 14.64 -18.37
N THR B 301 1.38 14.68 -17.85
CA THR B 301 1.16 15.08 -16.45
C THR B 301 1.98 14.26 -15.52
N LYS B 302 2.84 14.94 -14.75
CA LYS B 302 3.71 14.27 -13.80
C LYS B 302 3.23 14.67 -12.39
N ARG B 303 3.52 13.83 -11.40
CA ARG B 303 3.15 14.09 -10.00
C ARG B 303 4.13 15.09 -9.38
N GLU B 304 5.30 15.22 -10.00
CA GLU B 304 6.30 16.18 -9.51
C GLU B 304 5.93 17.60 -9.97
N GLY B 305 5.09 17.67 -10.98
CA GLY B 305 4.68 18.96 -11.48
C GLY B 305 4.90 19.18 -12.96
N ASN B 306 4.25 20.20 -13.51
CA ASN B 306 4.36 20.55 -14.93
C ASN B 306 4.30 22.07 -15.10
N HIS B 307 5.23 22.60 -15.90
CA HIS B 307 5.23 24.04 -16.16
C HIS B 307 5.47 24.24 -17.67
N LYS B 308 4.89 25.30 -18.23
CA LYS B 308 5.04 25.57 -19.64
C LYS B 308 6.38 26.16 -20.03
N PRO B 309 7.05 25.56 -21.04
CA PRO B 309 8.35 26.02 -21.52
C PRO B 309 8.34 27.46 -21.98
N GLU B 310 9.52 28.07 -21.92
CA GLU B 310 9.70 29.44 -22.33
C GLU B 310 8.90 30.48 -21.56
N THR B 311 8.22 30.05 -20.49
CA THR B 311 7.47 31.02 -19.71
C THR B 311 8.21 31.23 -18.40
N ASP B 312 8.52 32.49 -18.09
CA ASP B 312 9.23 32.82 -16.86
C ASP B 312 8.19 33.22 -15.81
N TYR B 313 7.88 32.27 -14.92
CA TYR B 313 6.91 32.49 -13.87
C TYR B 313 7.39 33.49 -12.82
N LEU B 314 8.57 34.06 -13.01
CA LEU B 314 9.10 35.03 -12.07
C LEU B 314 9.21 36.45 -12.65
N LYS C 1 18.25 14.89 26.52
CA LYS C 1 18.00 16.15 25.76
C LYS C 1 16.59 16.66 26.08
N PRO C 2 16.36 17.98 25.99
CA PRO C 2 15.04 18.54 26.29
C PRO C 2 14.19 18.88 25.07
N ILE C 3 12.88 18.74 25.26
CA ILE C 3 11.90 19.03 24.22
C ILE C 3 11.02 20.18 24.69
N GLU C 4 10.64 21.05 23.77
CA GLU C 4 9.77 22.15 24.13
C GLU C 4 8.64 22.22 23.13
N ILE C 5 7.42 21.88 23.55
CA ILE C 5 6.28 21.95 22.67
C ILE C 5 5.79 23.39 22.64
N ILE C 6 5.55 23.92 21.44
CA ILE C 6 5.07 25.29 21.28
C ILE C 6 3.84 25.25 20.39
N GLY C 7 2.72 25.71 20.92
CA GLY C 7 1.48 25.72 20.16
C GLY C 7 1.34 26.92 19.27
N ALA C 8 0.90 26.70 18.02
CA ALA C 8 0.72 27.79 17.07
C ALA C 8 -0.67 27.70 16.45
N PRO C 9 -1.72 27.84 17.27
CA PRO C 9 -3.11 27.78 16.80
C PRO C 9 -3.44 28.89 15.82
N PHE C 10 -2.74 28.88 14.69
CA PHE C 10 -2.93 29.91 13.69
C PHE C 10 -3.63 29.35 12.45
N SER C 11 -4.41 30.17 11.75
CA SER C 11 -5.11 29.69 10.57
C SER C 11 -5.22 30.67 9.41
N LYS C 12 -4.84 31.93 9.62
CA LYS C 12 -4.95 32.90 8.53
C LYS C 12 -4.05 32.57 7.35
N GLY C 13 -3.29 31.49 7.47
CA GLY C 13 -2.43 31.09 6.37
C GLY C 13 -3.24 30.54 5.22
N GLN C 14 -4.48 30.16 5.50
CA GLN C 14 -5.41 29.58 4.48
C GLN C 14 -6.89 29.80 4.90
N PRO C 15 -7.80 29.75 3.90
CA PRO C 15 -9.28 29.88 3.98
C PRO C 15 -10.11 29.04 4.91
N ARG C 16 -9.64 27.85 5.32
CA ARG C 16 -10.44 26.99 6.11
C ARG C 16 -10.36 27.12 7.60
N GLY C 17 -11.49 27.32 8.23
CA GLY C 17 -11.50 27.47 9.66
C GLY C 17 -11.25 26.14 10.34
N GLY C 18 -10.57 26.15 11.48
CA GLY C 18 -10.34 24.89 12.16
C GLY C 18 -8.90 24.54 12.53
N VAL C 19 -7.97 24.73 11.60
CA VAL C 19 -6.57 24.39 11.88
C VAL C 19 -6.08 24.94 13.21
N GLU C 20 -6.55 26.12 13.61
CA GLU C 20 -6.11 26.71 14.88
C GLU C 20 -6.41 25.76 16.05
N LYS C 21 -7.39 24.88 15.88
CA LYS C 21 -7.74 23.92 16.92
C LYS C 21 -6.77 22.73 16.90
N GLY C 22 -5.81 22.76 15.97
CA GLY C 22 -4.87 21.66 15.88
C GLY C 22 -4.16 21.28 17.18
N PRO C 23 -3.39 22.20 17.77
CA PRO C 23 -2.67 21.96 19.03
C PRO C 23 -3.56 21.41 20.15
N ALA C 24 -4.76 21.96 20.28
CA ALA C 24 -5.68 21.49 21.32
C ALA C 24 -6.01 20.01 21.08
N ALA C 25 -6.27 19.63 19.84
CA ALA C 25 -6.59 18.24 19.53
C ALA C 25 -5.40 17.33 19.87
N LEU C 26 -4.21 17.72 19.42
CA LEU C 26 -3.00 16.94 19.66
C LEU C 26 -2.71 16.73 21.15
N ARG C 27 -2.97 17.74 21.96
CA ARG C 27 -2.75 17.62 23.40
C ARG C 27 -3.82 16.71 23.99
N LYS C 28 -5.04 16.94 23.55
CA LYS C 28 -6.22 16.19 23.96
C LYS C 28 -6.02 14.70 23.74
N ALA C 29 -5.09 14.35 22.87
CA ALA C 29 -4.80 12.96 22.58
C ALA C 29 -3.65 12.47 23.45
N GLY C 30 -3.15 13.36 24.32
CA GLY C 30 -2.06 13.01 25.20
C GLY C 30 -0.64 13.13 24.64
N LEU C 31 -0.48 13.91 23.58
CA LEU C 31 0.83 14.08 22.97
C LEU C 31 1.92 14.41 24.00
N VAL C 32 1.61 15.31 24.93
CA VAL C 32 2.61 15.68 25.92
C VAL C 32 2.91 14.57 26.91
N GLU C 33 1.89 13.87 27.37
CA GLU C 33 2.11 12.79 28.33
C GLU C 33 2.87 11.64 27.68
N LYS C 34 2.47 11.29 26.46
CA LYS C 34 3.12 10.20 25.75
C LYS C 34 4.60 10.50 25.51
N LEU C 35 4.93 11.77 25.27
CA LEU C 35 6.32 12.14 25.04
C LEU C 35 7.15 11.94 26.31
N LYS C 36 6.61 12.34 27.46
CA LYS C 36 7.32 12.19 28.73
C LYS C 36 7.74 10.74 28.95
N GLU C 37 7.02 9.82 28.33
CA GLU C 37 7.34 8.41 28.49
C GLU C 37 8.59 8.04 27.70
N THR C 38 9.13 8.99 26.95
CA THR C 38 10.32 8.74 26.16
C THR C 38 11.54 9.17 26.96
N GLU C 39 12.72 8.94 26.40
CA GLU C 39 13.95 9.28 27.09
C GLU C 39 14.25 10.77 27.10
N TYR C 40 13.32 11.58 26.62
CA TYR C 40 13.53 13.03 26.61
C TYR C 40 12.75 13.73 27.71
N ASN C 41 13.27 14.89 28.12
CA ASN C 41 12.64 15.73 29.12
C ASN C 41 11.72 16.63 28.32
N VAL C 42 10.46 16.71 28.74
CA VAL C 42 9.49 17.52 28.03
C VAL C 42 8.94 18.71 28.78
N ARG C 43 8.90 19.85 28.12
CA ARG C 43 8.36 21.06 28.70
C ARG C 43 7.38 21.69 27.71
N ASP C 44 6.12 21.85 28.11
CA ASP C 44 5.12 22.45 27.26
C ASP C 44 5.16 23.94 27.54
N HIS C 45 5.36 24.72 26.49
CA HIS C 45 5.43 26.17 26.59
C HIS C 45 4.02 26.75 26.51
N GLY C 46 3.07 25.93 26.07
CA GLY C 46 1.69 26.36 25.92
C GLY C 46 1.45 26.92 24.53
N ASP C 47 0.25 27.48 24.30
CA ASP C 47 -0.04 28.05 22.99
C ASP C 47 0.24 29.52 22.98
N LEU C 48 0.79 30.01 21.88
CA LEU C 48 1.07 31.43 21.75
C LEU C 48 -0.27 32.11 21.44
N ALA C 49 -0.43 33.34 21.90
CA ALA C 49 -1.65 34.09 21.62
C ALA C 49 -1.30 35.09 20.53
N PHE C 50 -1.90 34.94 19.36
CA PHE C 50 -1.61 35.84 18.25
C PHE C 50 -2.54 37.03 18.19
N VAL C 51 -1.95 38.21 18.24
CA VAL C 51 -2.69 39.47 18.18
C VAL C 51 -3.18 39.69 16.74
N ASP C 52 -4.50 39.86 16.58
CA ASP C 52 -5.08 40.04 15.26
C ASP C 52 -4.96 41.45 14.69
N VAL C 53 -4.22 41.58 13.59
CA VAL C 53 -4.02 42.87 12.93
C VAL C 53 -5.34 43.35 12.30
N PRO C 54 -5.89 44.47 12.82
CA PRO C 54 -7.14 45.01 12.28
C PRO C 54 -6.89 45.70 10.94
N ASN C 55 -7.87 45.60 10.05
CA ASN C 55 -7.74 46.25 8.74
C ASN C 55 -6.56 45.70 7.92
N ASP C 56 -6.40 44.38 7.96
CA ASP C 56 -5.32 43.71 7.23
C ASP C 56 -5.75 43.54 5.77
N SER C 57 -5.53 44.59 4.97
CA SER C 57 -5.89 44.59 3.55
C SER C 57 -4.97 43.66 2.76
N PRO C 58 -5.51 43.02 1.72
CA PRO C 58 -4.74 42.09 0.88
C PRO C 58 -3.67 42.80 0.06
N PHE C 59 -2.46 42.25 0.07
CA PHE C 59 -1.35 42.81 -0.69
C PHE C 59 -1.48 42.21 -2.08
N GLN C 60 -2.07 42.94 -3.01
CA GLN C 60 -2.28 42.43 -4.35
C GLN C 60 -3.19 41.21 -4.20
N ILE C 61 -2.61 40.00 -4.19
CA ILE C 61 -3.43 38.80 -4.03
C ILE C 61 -3.27 38.14 -2.66
N VAL C 62 -2.08 38.27 -2.06
CA VAL C 62 -1.82 37.68 -0.74
C VAL C 62 -2.83 38.13 0.31
N LYS C 63 -3.37 37.17 1.06
CA LYS C 63 -4.37 37.47 2.06
C LYS C 63 -3.86 37.52 3.50
N ASN C 64 -4.43 38.42 4.29
CA ASN C 64 -4.04 38.59 5.68
C ASN C 64 -2.53 38.58 5.84
N PRO C 65 -1.80 39.32 5.00
CA PRO C 65 -0.34 39.37 5.09
C PRO C 65 0.19 39.87 6.44
N ARG C 66 -0.39 40.96 6.94
CA ARG C 66 0.07 41.51 8.20
C ARG C 66 -0.16 40.59 9.39
N SER C 67 -1.28 39.88 9.38
CA SER C 67 -1.57 38.96 10.47
C SER C 67 -0.62 37.76 10.45
N VAL C 68 -0.37 37.23 9.27
CA VAL C 68 0.53 36.09 9.10
C VAL C 68 1.97 36.55 9.37
N GLY C 69 2.30 37.75 8.94
CA GLY C 69 3.63 38.26 9.15
C GLY C 69 3.95 38.47 10.62
N LYS C 70 2.98 38.97 11.38
CA LYS C 70 3.18 39.22 12.80
C LYS C 70 3.20 37.94 13.62
N ALA C 71 2.29 37.01 13.29
CA ALA C 71 2.20 35.73 13.98
C ALA C 71 3.51 34.97 13.84
N ASN C 72 4.07 34.97 12.64
CA ASN C 72 5.33 34.26 12.42
C ASN C 72 6.49 34.95 13.13
N GLU C 73 6.48 36.29 13.15
CA GLU C 73 7.54 37.03 13.81
C GLU C 73 7.56 36.64 15.28
N GLN C 74 6.38 36.56 15.88
CA GLN C 74 6.29 36.21 17.28
C GLN C 74 6.88 34.80 17.52
N LEU C 75 6.45 33.82 16.72
CA LEU C 75 6.91 32.44 16.85
C LEU C 75 8.43 32.34 16.69
N ALA C 76 8.96 32.96 15.65
CA ALA C 76 10.41 32.94 15.44
C ALA C 76 11.14 33.42 16.69
N ALA C 77 10.54 34.35 17.41
CA ALA C 77 11.18 34.85 18.62
C ALA C 77 11.21 33.72 19.63
N VAL C 78 10.06 33.07 19.81
CA VAL C 78 9.98 32.00 20.78
C VAL C 78 10.86 30.80 20.43
N VAL C 79 10.89 30.43 19.16
CA VAL C 79 11.68 29.29 18.72
C VAL C 79 13.17 29.58 18.89
N ALA C 80 13.55 30.81 18.58
CA ALA C 80 14.95 31.22 18.69
C ALA C 80 15.39 31.05 20.14
N GLU C 81 14.54 31.53 21.03
CA GLU C 81 14.78 31.49 22.46
C GLU C 81 15.01 30.09 23.00
N THR C 82 14.16 29.13 22.61
CA THR C 82 14.29 27.77 23.10
C THR C 82 15.47 27.04 22.46
N GLN C 83 15.79 27.40 21.23
CA GLN C 83 16.89 26.76 20.52
C GLN C 83 18.17 27.19 21.19
N LYS C 84 18.18 28.45 21.61
CA LYS C 84 19.32 29.04 22.30
C LYS C 84 19.65 28.25 23.58
N ASN C 85 18.58 27.80 24.25
CA ASN C 85 18.72 27.03 25.48
C ASN C 85 19.00 25.57 25.18
N GLY C 86 19.38 25.32 23.94
CA GLY C 86 19.70 23.96 23.52
C GLY C 86 18.59 22.93 23.58
N THR C 87 17.34 23.37 23.47
CA THR C 87 16.24 22.40 23.49
C THR C 87 15.75 22.18 22.07
N ILE C 88 15.14 21.02 21.82
CA ILE C 88 14.59 20.73 20.50
C ILE C 88 13.18 21.31 20.49
N SER C 89 12.87 22.15 19.52
CA SER C 89 11.54 22.72 19.44
C SER C 89 10.62 21.91 18.58
N VAL C 90 9.40 21.75 19.06
CA VAL C 90 8.36 21.00 18.37
C VAL C 90 7.14 21.91 18.24
N VAL C 91 6.95 22.47 17.06
CA VAL C 91 5.85 23.39 16.81
C VAL C 91 4.58 22.69 16.34
N LEU C 92 3.46 22.96 17.01
CA LEU C 92 2.18 22.34 16.67
C LEU C 92 1.35 23.38 15.93
N GLY C 93 1.04 23.09 14.66
CA GLY C 93 0.27 24.04 13.86
C GLY C 93 -1.24 23.87 14.01
N GLY C 94 -1.95 24.97 13.83
CA GLY C 94 -2.50 25.39 12.55
C GLY C 94 -1.79 25.16 11.23
N ASP C 95 -2.06 26.06 10.27
CA ASP C 95 -1.50 25.93 8.91
C ASP C 95 0.01 26.01 8.76
N HIS C 96 0.48 25.61 7.58
CA HIS C 96 1.90 25.53 7.29
C HIS C 96 2.65 26.84 7.14
N SER C 97 1.91 27.95 7.08
CA SER C 97 2.57 29.24 6.94
C SER C 97 3.34 29.60 8.19
N MET C 98 3.11 28.88 9.28
CA MET C 98 3.82 29.14 10.53
C MET C 98 5.23 28.55 10.47
N ALA C 99 5.57 27.94 9.36
CA ALA C 99 6.91 27.36 9.19
C ALA C 99 7.90 28.49 8.96
N ILE C 100 7.40 29.59 8.41
CA ILE C 100 8.23 30.77 8.15
C ILE C 100 9.02 31.13 9.41
N GLY C 101 8.30 31.40 10.48
CA GLY C 101 8.94 31.75 11.73
C GLY C 101 9.52 30.58 12.47
N SER C 102 8.97 29.38 12.26
CA SER C 102 9.49 28.19 12.94
C SER C 102 10.93 27.93 12.50
N ILE C 103 11.14 27.96 11.18
CA ILE C 103 12.44 27.72 10.60
C ILE C 103 13.36 28.93 10.77
N SER C 104 12.80 30.13 10.65
CA SER C 104 13.57 31.37 10.82
C SER C 104 14.21 31.40 12.20
N GLY C 105 13.39 31.31 13.24
CA GLY C 105 13.94 31.30 14.58
C GLY C 105 15.03 30.24 14.61
N HIS C 106 14.67 29.00 14.29
CA HIS C 106 15.63 27.92 14.32
C HIS C 106 16.93 28.33 13.65
N ALA C 107 16.84 28.91 12.47
CA ALA C 107 18.00 29.34 11.70
C ALA C 107 18.91 30.31 12.46
N ARG C 108 18.30 31.22 13.20
CA ARG C 108 19.06 32.18 13.98
C ARG C 108 20.08 31.53 14.91
N VAL C 109 19.71 30.41 15.54
CA VAL C 109 20.61 29.70 16.45
C VAL C 109 21.45 28.68 15.74
N HIS C 110 20.89 28.08 14.69
CA HIS C 110 21.59 27.07 13.93
C HIS C 110 21.49 27.42 12.45
N PRO C 111 22.33 28.36 12.00
CA PRO C 111 22.37 28.80 10.60
C PRO C 111 22.80 27.74 9.59
N ASP C 112 23.32 26.61 10.06
CA ASP C 112 23.74 25.56 9.13
C ASP C 112 22.76 24.35 9.05
N LEU C 113 21.51 24.57 9.44
CA LEU C 113 20.50 23.51 9.43
C LEU C 113 20.01 23.17 8.03
N CYS C 114 19.51 21.96 7.87
CA CYS C 114 18.96 21.55 6.59
C CYS C 114 17.47 21.26 6.84
N VAL C 115 16.67 21.38 5.81
CA VAL C 115 15.24 21.15 5.97
C VAL C 115 14.70 19.94 5.23
N ILE C 116 13.96 19.09 5.94
CA ILE C 116 13.32 17.95 5.30
C ILE C 116 11.82 18.27 5.39
N TRP C 117 11.24 18.54 4.23
CA TRP C 117 9.86 18.95 4.10
C TRP C 117 8.94 17.83 3.59
N VAL C 118 8.23 17.13 4.48
CA VAL C 118 7.35 16.05 4.04
C VAL C 118 6.03 16.72 3.78
N ASP C 119 5.59 16.69 2.53
CA ASP C 119 4.39 17.39 2.16
C ASP C 119 3.97 16.95 0.76
N ALA C 120 2.70 17.10 0.44
CA ALA C 120 2.23 16.74 -0.89
C ALA C 120 2.37 17.98 -1.75
N HIS C 121 2.65 19.10 -1.09
CA HIS C 121 2.81 20.39 -1.73
C HIS C 121 4.19 20.96 -1.45
N THR C 122 4.71 21.71 -2.42
CA THR C 122 6.03 22.34 -2.29
C THR C 122 5.94 23.62 -1.47
N ASP C 123 4.77 24.24 -1.43
CA ASP C 123 4.53 25.49 -0.67
C ASP C 123 5.61 26.51 -0.99
N ILE C 124 5.94 26.63 -2.26
CA ILE C 124 6.98 27.54 -2.68
C ILE C 124 6.49 28.62 -3.65
N ASN C 125 5.18 28.84 -3.67
CA ASN C 125 4.62 29.88 -4.53
C ASN C 125 5.05 31.23 -3.97
N THR C 126 5.36 32.18 -4.87
CA THR C 126 5.75 33.50 -4.44
C THR C 126 4.48 34.37 -4.47
N PRO C 127 4.52 35.55 -3.84
CA PRO C 127 3.33 36.40 -3.86
C PRO C 127 2.86 36.68 -5.29
N LEU C 128 3.76 36.51 -6.26
CA LEU C 128 3.45 36.74 -7.66
C LEU C 128 2.94 35.47 -8.38
N THR C 129 3.27 34.29 -7.85
CA THR C 129 2.83 33.06 -8.49
C THR C 129 1.77 32.30 -7.71
N THR C 130 0.79 32.98 -7.12
CA THR C 130 -0.18 32.20 -6.39
C THR C 130 -1.52 32.40 -7.08
N SER C 131 -2.28 31.35 -7.24
CA SER C 131 -3.59 31.45 -7.86
C SER C 131 -4.54 31.93 -6.78
N SER C 132 -4.16 31.65 -5.54
CA SER C 132 -4.91 32.06 -4.37
C SER C 132 -3.87 32.79 -3.54
N GLY C 133 -4.30 33.77 -2.75
CA GLY C 133 -3.35 34.50 -1.95
C GLY C 133 -2.98 33.78 -0.66
N ASN C 134 -3.33 32.51 -0.58
CA ASN C 134 -3.07 31.72 0.61
C ASN C 134 -1.58 31.50 0.89
N LEU C 135 -1.11 32.16 1.96
CA LEU C 135 0.28 32.10 2.38
C LEU C 135 0.71 30.74 2.92
N HIS C 136 -0.23 29.87 3.29
CA HIS C 136 0.19 28.57 3.78
C HIS C 136 0.83 27.82 2.62
N GLY C 137 0.70 28.39 1.42
CA GLY C 137 1.28 27.78 0.25
C GLY C 137 2.47 28.57 -0.29
N GLN C 138 2.98 29.49 0.50
CA GLN C 138 4.19 30.22 0.15
C GLN C 138 5.34 30.29 1.16
N PRO C 139 5.27 29.47 2.23
CA PRO C 139 6.33 29.49 3.25
C PRO C 139 7.77 29.47 2.75
N VAL C 140 8.12 28.45 1.98
CA VAL C 140 9.48 28.29 1.48
C VAL C 140 9.93 29.45 0.61
N ALA C 141 8.97 30.13 -0.03
CA ALA C 141 9.32 31.26 -0.89
C ALA C 141 9.91 32.43 -0.09
N PHE C 142 9.55 32.53 1.19
CA PHE C 142 10.05 33.58 2.07
C PHE C 142 11.32 33.15 2.74
N LEU C 143 11.62 31.86 2.70
CA LEU C 143 12.81 31.35 3.36
C LEU C 143 14.02 31.13 2.44
N LEU C 144 13.79 30.96 1.15
CA LEU C 144 14.87 30.73 0.21
C LEU C 144 15.66 31.97 -0.18
N LYS C 145 16.97 31.91 0.00
CA LYS C 145 17.87 33.01 -0.34
C LYS C 145 17.81 33.28 -1.85
N GLU C 146 17.76 32.20 -2.65
CA GLU C 146 17.68 32.30 -4.10
C GLU C 146 16.43 32.98 -4.62
N LEU C 147 15.42 33.11 -3.77
CA LEU C 147 14.16 33.74 -4.17
C LEU C 147 14.06 35.15 -3.64
N LYS C 148 15.15 35.65 -3.07
CA LYS C 148 15.15 36.98 -2.49
C LYS C 148 15.02 38.09 -3.54
N GLY C 149 14.02 38.94 -3.34
CA GLY C 149 13.79 40.04 -4.25
C GLY C 149 13.12 39.65 -5.56
N LYS C 150 12.82 38.36 -5.72
CA LYS C 150 12.16 37.91 -6.93
C LYS C 150 10.68 38.17 -6.81
N PHE C 151 10.32 38.92 -5.79
CA PHE C 151 8.93 39.31 -5.54
C PHE C 151 8.91 40.54 -4.63
N PRO C 152 7.85 41.36 -4.74
CA PRO C 152 7.73 42.57 -3.91
C PRO C 152 7.68 42.28 -2.41
N ASP C 153 8.05 43.27 -1.59
CA ASP C 153 8.01 43.08 -0.15
C ASP C 153 6.55 43.02 0.30
N VAL C 154 6.29 42.16 1.28
CA VAL C 154 4.93 41.99 1.78
C VAL C 154 4.77 42.56 3.18
N PRO C 155 3.73 43.38 3.38
CA PRO C 155 3.42 44.01 4.67
C PRO C 155 3.36 42.99 5.81
N GLY C 156 4.35 43.04 6.68
CA GLY C 156 4.39 42.14 7.82
C GLY C 156 5.55 41.16 7.81
N PHE C 157 6.28 41.08 6.70
CA PHE C 157 7.38 40.14 6.61
C PHE C 157 8.76 40.78 6.52
N SER C 158 8.84 42.08 6.72
CA SER C 158 10.13 42.76 6.64
C SER C 158 11.22 42.13 7.52
N TRP C 159 10.82 41.64 8.69
CA TRP C 159 11.73 40.99 9.64
C TRP C 159 12.37 39.69 9.14
N VAL C 160 11.72 39.04 8.18
CA VAL C 160 12.22 37.78 7.65
C VAL C 160 13.52 37.94 6.88
N THR C 161 14.42 36.99 7.06
CA THR C 161 15.72 37.00 6.42
C THR C 161 15.92 35.62 5.79
N PRO C 162 16.01 35.55 4.45
CA PRO C 162 16.22 34.24 3.82
C PRO C 162 17.39 33.52 4.49
N CYS C 163 17.10 32.43 5.20
CA CYS C 163 18.12 31.67 5.92
C CYS C 163 18.64 30.37 5.32
N ILE C 164 17.86 29.74 4.44
CA ILE C 164 18.32 28.51 3.80
C ILE C 164 18.29 28.60 2.29
N SER C 165 19.24 27.93 1.65
CA SER C 165 19.34 27.94 0.20
C SER C 165 18.76 26.66 -0.40
N ALA C 166 18.54 26.69 -1.70
CA ALA C 166 17.98 25.56 -2.44
C ALA C 166 18.75 24.25 -2.25
N LYS C 167 19.88 24.36 -1.59
CA LYS C 167 20.75 23.23 -1.38
C LYS C 167 20.51 22.58 -0.04
N ASP C 168 19.87 23.31 0.86
CA ASP C 168 19.64 22.81 2.19
C ASP C 168 18.25 22.22 2.41
N ILE C 169 17.48 22.04 1.33
CA ILE C 169 16.14 21.53 1.46
C ILE C 169 15.87 20.32 0.58
N VAL C 170 15.08 19.41 1.14
CA VAL C 170 14.67 18.17 0.48
C VAL C 170 13.17 17.93 0.72
N TYR C 171 12.42 17.75 -0.36
CA TYR C 171 10.98 17.49 -0.33
C TYR C 171 10.72 16.00 -0.49
N ILE C 172 9.77 15.47 0.29
CA ILE C 172 9.40 14.05 0.18
C ILE C 172 7.89 13.97 0.23
N GLY C 173 7.27 13.40 -0.81
CA GLY C 173 5.83 13.30 -0.85
C GLY C 173 5.12 14.16 -1.89
N LEU C 174 5.87 14.93 -2.64
CA LEU C 174 5.31 15.81 -3.65
C LEU C 174 4.39 15.12 -4.64
N ARG C 175 3.22 15.72 -4.86
CA ARG C 175 2.27 15.15 -5.81
C ARG C 175 1.19 16.13 -6.25
N ASP C 176 1.28 17.38 -5.89
CA ASP C 176 0.28 18.37 -6.31
C ASP C 176 1.00 19.71 -6.34
N VAL C 177 1.81 19.87 -7.37
CA VAL C 177 2.61 21.07 -7.54
C VAL C 177 2.08 21.95 -8.65
N ASP C 178 1.99 23.26 -8.39
CA ASP C 178 1.52 24.20 -9.39
C ASP C 178 2.60 24.42 -10.44
N PRO C 179 2.20 24.93 -11.61
CA PRO C 179 3.17 25.17 -12.69
C PRO C 179 4.30 26.11 -12.22
N GLY C 180 3.92 27.28 -11.68
CA GLY C 180 4.93 28.20 -11.21
C GLY C 180 5.93 27.56 -10.26
N GLU C 181 5.42 26.79 -9.30
CA GLU C 181 6.27 26.11 -8.34
C GLU C 181 7.21 25.10 -9.01
N HIS C 182 6.69 24.30 -9.93
CA HIS C 182 7.49 23.29 -10.61
C HIS C 182 8.59 23.92 -11.44
N TYR C 183 8.37 25.17 -11.83
CA TYR C 183 9.36 25.92 -12.61
C TYR C 183 10.46 26.27 -11.61
N ILE C 184 10.03 26.91 -10.52
CA ILE C 184 10.94 27.30 -9.46
C ILE C 184 11.84 26.15 -8.98
N ILE C 185 11.26 24.99 -8.62
CA ILE C 185 12.08 23.88 -8.15
C ILE C 185 12.99 23.24 -9.19
N LYS C 186 12.63 23.35 -10.47
CA LYS C 186 13.44 22.80 -11.55
C LYS C 186 14.57 23.78 -11.81
N THR C 187 14.21 25.06 -11.88
CA THR C 187 15.17 26.13 -12.11
C THR C 187 16.24 26.23 -11.01
N LEU C 188 15.80 26.23 -9.75
CA LEU C 188 16.75 26.34 -8.64
C LEU C 188 17.51 25.05 -8.32
N GLY C 189 17.14 23.95 -8.95
CA GLY C 189 17.85 22.71 -8.69
C GLY C 189 17.55 22.03 -7.37
N ILE C 190 16.39 22.35 -6.80
CA ILE C 190 15.95 21.78 -5.53
C ILE C 190 15.78 20.26 -5.58
N LYS C 191 16.31 19.57 -4.57
CA LYS C 191 16.22 18.12 -4.52
C LYS C 191 14.84 17.70 -3.96
N TYR C 192 14.22 16.72 -4.60
CA TYR C 192 12.92 16.27 -4.17
C TYR C 192 12.66 14.84 -4.54
N PHE C 193 11.76 14.22 -3.80
CA PHE C 193 11.33 12.86 -4.07
C PHE C 193 9.82 12.94 -4.15
N SER C 194 9.31 13.09 -5.36
CA SER C 194 7.87 13.13 -5.56
C SER C 194 7.39 11.70 -5.36
N MET C 195 6.08 11.52 -5.31
CA MET C 195 5.51 10.19 -5.13
C MET C 195 6.07 9.19 -6.15
N THR C 196 6.37 9.65 -7.36
CA THR C 196 6.90 8.75 -8.38
C THR C 196 8.29 8.27 -7.99
N GLU C 197 9.07 9.12 -7.31
CA GLU C 197 10.41 8.68 -6.93
C GLU C 197 10.32 7.71 -5.77
N VAL C 198 9.30 7.88 -4.93
CA VAL C 198 9.13 6.97 -3.81
C VAL C 198 8.73 5.62 -4.38
N ASP C 199 7.83 5.63 -5.36
CA ASP C 199 7.38 4.39 -5.96
C ASP C 199 8.57 3.69 -6.61
N LYS C 200 9.33 4.46 -7.37
CA LYS C 200 10.48 3.89 -8.07
C LYS C 200 11.53 3.35 -7.11
N LEU C 201 11.96 4.18 -6.16
CA LEU C 201 13.00 3.79 -5.22
C LEU C 201 12.65 3.02 -3.95
N GLY C 202 11.48 3.26 -3.36
CA GLY C 202 11.17 2.57 -2.10
C GLY C 202 11.53 3.59 -1.03
N ILE C 203 10.71 3.67 0.01
CA ILE C 203 10.95 4.66 1.04
C ILE C 203 12.36 4.53 1.63
N GLY C 204 12.85 3.30 1.70
CA GLY C 204 14.17 3.07 2.28
C GLY C 204 15.31 3.73 1.51
N LYS C 205 15.39 3.48 0.21
CA LYS C 205 16.45 4.10 -0.58
C LYS C 205 16.27 5.62 -0.61
N VAL C 206 15.03 6.10 -0.51
CA VAL C 206 14.79 7.53 -0.54
C VAL C 206 15.42 8.21 0.67
N MET C 207 15.16 7.64 1.84
CA MET C 207 15.68 8.19 3.08
C MET C 207 17.19 8.14 3.07
N GLU C 208 17.72 7.07 2.48
CA GLU C 208 19.16 6.87 2.38
C GLU C 208 19.75 8.04 1.60
N GLU C 209 19.18 8.29 0.43
CA GLU C 209 19.64 9.37 -0.42
C GLU C 209 19.52 10.76 0.19
N THR C 210 18.36 11.08 0.76
CA THR C 210 18.18 12.44 1.31
C THR C 210 19.24 12.76 2.36
N PHE C 211 19.70 11.75 3.10
CA PHE C 211 20.72 11.97 4.13
C PHE C 211 22.11 12.20 3.57
N SER C 212 22.52 11.38 2.61
CA SER C 212 23.83 11.54 2.00
C SER C 212 23.83 12.84 1.21
N TYR C 213 22.66 13.28 0.79
CA TYR C 213 22.57 14.53 0.04
C TYR C 213 22.63 15.76 0.93
N LEU C 214 22.09 15.66 2.14
CA LEU C 214 22.06 16.78 3.08
C LEU C 214 23.11 16.69 4.18
N LEU C 215 23.62 15.48 4.40
CA LEU C 215 24.60 15.24 5.44
C LEU C 215 25.87 14.58 4.94
N GLY C 216 25.91 14.27 3.64
CA GLY C 216 27.10 13.64 3.10
C GLY C 216 28.37 14.31 3.58
N ARG C 217 28.46 15.62 3.36
CA ARG C 217 29.63 16.41 3.76
C ARG C 217 29.64 16.71 5.26
N LYS C 218 28.89 17.73 5.67
CA LYS C 218 28.81 18.15 7.08
C LYS C 218 27.58 17.66 7.79
N LYS C 219 27.76 17.12 8.97
CA LYS C 219 26.63 16.70 9.79
C LYS C 219 26.04 17.98 10.33
N ARG C 220 24.73 18.17 10.22
CA ARG C 220 24.16 19.39 10.74
C ARG C 220 22.78 19.20 11.33
N PRO C 221 22.30 20.18 12.11
CA PRO C 221 20.98 20.12 12.74
C PRO C 221 19.93 19.91 11.67
N ILE C 222 18.92 19.12 11.97
CA ILE C 222 17.85 18.84 10.99
C ILE C 222 16.52 19.46 11.39
N HIS C 223 15.88 20.15 10.46
CA HIS C 223 14.57 20.70 10.75
C HIS C 223 13.54 19.95 9.92
N LEU C 224 12.70 19.15 10.59
CA LEU C 224 11.65 18.39 9.91
C LEU C 224 10.34 19.14 9.93
N SER C 225 9.94 19.64 8.77
CA SER C 225 8.67 20.36 8.67
C SER C 225 7.70 19.31 8.13
N PHE C 226 6.79 18.82 8.97
CA PHE C 226 5.89 17.77 8.51
C PHE C 226 4.42 18.14 8.26
N ASP C 227 4.05 18.25 6.99
CA ASP C 227 2.67 18.56 6.62
C ASP C 227 1.88 17.25 6.63
N VAL C 228 0.98 17.12 7.58
CA VAL C 228 0.17 15.92 7.68
C VAL C 228 -0.47 15.51 6.35
N ASP C 229 -0.70 16.45 5.44
CA ASP C 229 -1.29 16.06 4.17
C ASP C 229 -0.29 15.39 3.22
N GLY C 230 0.83 14.95 3.79
CA GLY C 230 1.81 14.27 2.97
C GLY C 230 1.45 12.79 2.90
N LEU C 231 0.76 12.32 3.92
CA LEU C 231 0.34 10.93 3.94
C LEU C 231 -0.94 10.93 3.17
N ASP C 232 -1.36 9.77 2.70
CA ASP C 232 -2.59 9.64 1.93
C ASP C 232 -3.82 9.97 2.76
N PRO C 233 -4.86 10.52 2.13
CA PRO C 233 -6.10 10.88 2.82
C PRO C 233 -6.73 9.80 3.67
N VAL C 234 -6.45 8.54 3.35
CA VAL C 234 -6.96 7.40 4.12
C VAL C 234 -6.26 7.32 5.48
N PHE C 235 -5.25 8.15 5.71
CA PHE C 235 -4.54 8.08 6.98
C PHE C 235 -4.70 9.35 7.78
N THR C 236 -4.70 10.47 7.07
CA THR C 236 -4.84 11.78 7.69
C THR C 236 -5.85 12.61 6.90
N PRO C 237 -7.11 12.16 6.85
CA PRO C 237 -8.19 12.84 6.14
C PRO C 237 -8.56 14.23 6.62
N ALA C 238 -8.35 14.48 7.92
CA ALA C 238 -8.69 15.80 8.47
C ALA C 238 -7.67 16.90 8.13
N THR C 239 -7.55 17.25 6.85
CA THR C 239 -6.62 18.32 6.44
C THR C 239 -7.29 19.13 5.35
N GLY C 240 -6.93 20.39 5.26
CA GLY C 240 -7.54 21.23 4.25
C GLY C 240 -7.30 20.86 2.79
N THR C 241 -6.14 20.33 2.45
CA THR C 241 -5.88 19.98 1.08
C THR C 241 -5.39 18.53 0.87
N PRO C 242 -6.29 17.56 1.00
CA PRO C 242 -5.91 16.16 0.81
C PRO C 242 -5.70 15.91 -0.67
N VAL C 243 -4.73 15.06 -0.99
CA VAL C 243 -4.42 14.69 -2.37
C VAL C 243 -4.18 13.19 -2.39
N VAL C 244 -4.93 12.44 -3.21
CA VAL C 244 -4.76 11.00 -3.21
C VAL C 244 -3.40 10.51 -3.69
N GLY C 245 -3.12 9.23 -3.38
CA GLY C 245 -1.87 8.63 -3.77
C GLY C 245 -0.68 9.15 -3.00
N GLY C 246 -0.87 9.38 -1.70
CA GLY C 246 0.21 9.90 -0.87
C GLY C 246 0.97 8.82 -0.13
N LEU C 247 1.87 9.27 0.74
CA LEU C 247 2.66 8.38 1.56
C LEU C 247 1.77 7.55 2.50
N SER C 248 2.20 6.32 2.80
CA SER C 248 1.45 5.45 3.70
C SER C 248 1.80 5.68 5.18
N TYR C 249 0.94 5.18 6.06
CA TYR C 249 1.19 5.29 7.50
C TYR C 249 2.60 4.77 7.76
N ARG C 250 2.89 3.60 7.18
CA ARG C 250 4.19 2.94 7.32
C ARG C 250 5.35 3.80 6.81
N GLU C 251 5.20 4.34 5.60
CA GLU C 251 6.26 5.16 5.08
C GLU C 251 6.51 6.40 5.94
N GLY C 252 5.44 6.95 6.52
CA GLY C 252 5.58 8.14 7.34
C GLY C 252 6.39 7.82 8.58
N LEU C 253 6.07 6.70 9.21
CA LEU C 253 6.80 6.33 10.41
C LEU C 253 8.24 5.97 10.06
N TYR C 254 8.46 5.44 8.87
CA TYR C 254 9.82 5.09 8.51
C TYR C 254 10.66 6.35 8.48
N ILE C 255 10.18 7.35 7.76
CA ILE C 255 10.85 8.63 7.65
C ILE C 255 11.20 9.12 9.05
N THR C 256 10.21 9.25 9.93
CA THR C 256 10.49 9.71 11.30
C THR C 256 11.44 8.75 12.05
N GLU C 257 11.28 7.44 11.85
CA GLU C 257 12.19 6.51 12.53
C GLU C 257 13.65 6.70 12.09
N GLU C 258 13.86 6.98 10.80
CA GLU C 258 15.20 7.19 10.28
C GLU C 258 15.81 8.50 10.77
N ILE C 259 14.99 9.54 10.82
CA ILE C 259 15.41 10.84 11.28
C ILE C 259 15.78 10.77 12.76
N TYR C 260 15.08 9.98 13.54
CA TYR C 260 15.42 9.88 14.96
C TYR C 260 16.82 9.29 15.04
N LYS C 261 17.00 8.14 14.39
CA LYS C 261 18.30 7.46 14.37
C LYS C 261 19.50 8.34 14.03
N THR C 262 19.30 9.43 13.29
CA THR C 262 20.41 10.30 12.96
C THR C 262 20.90 11.08 14.17
N GLY C 263 20.08 11.14 15.22
CA GLY C 263 20.48 11.87 16.41
C GLY C 263 20.59 13.37 16.18
N LEU C 264 20.28 13.82 14.97
CA LEU C 264 20.37 15.22 14.64
C LEU C 264 19.08 16.06 14.63
N LEU C 265 17.93 15.45 14.93
CA LEU C 265 16.69 16.19 14.92
C LEU C 265 16.83 17.37 15.86
N SER C 266 16.59 18.58 15.34
CA SER C 266 16.69 19.82 16.14
C SER C 266 15.41 20.67 16.15
N GLY C 267 14.59 20.50 15.11
CA GLY C 267 13.35 21.24 15.01
C GLY C 267 12.27 20.40 14.32
N LEU C 268 11.04 20.54 14.79
CA LEU C 268 9.95 19.77 14.21
C LEU C 268 8.71 20.63 14.02
N ASP C 269 7.90 20.24 13.04
CA ASP C 269 6.65 20.92 12.76
C ASP C 269 5.64 19.85 12.42
N ILE C 270 4.47 19.92 13.05
CA ILE C 270 3.38 18.99 12.81
C ILE C 270 2.24 19.90 12.39
N MET C 271 2.18 20.23 11.10
CA MET C 271 1.17 21.14 10.57
C MET C 271 -0.02 20.57 9.82
N GLU C 272 -0.97 21.47 9.58
CA GLU C 272 -2.22 21.24 8.87
C GLU C 272 -3.27 20.32 9.48
N VAL C 273 -3.15 19.97 10.77
CA VAL C 273 -4.18 19.12 11.36
C VAL C 273 -5.42 19.99 11.57
N ASN C 274 -6.52 19.65 10.89
CA ASN C 274 -7.74 20.42 11.06
C ASN C 274 -8.88 19.57 11.61
N PRO C 275 -9.03 19.54 12.93
CA PRO C 275 -10.09 18.75 13.59
C PRO C 275 -11.52 18.95 13.12
N THR C 276 -11.81 20.08 12.48
CA THR C 276 -13.17 20.31 12.03
C THR C 276 -13.45 19.76 10.64
N LEU C 277 -12.40 19.32 9.94
CA LEU C 277 -12.58 18.81 8.58
C LEU C 277 -12.81 17.30 8.50
N GLY C 278 -12.87 16.63 9.65
CA GLY C 278 -13.11 15.20 9.61
C GLY C 278 -14.58 14.91 9.33
N LYS C 279 -14.87 14.10 8.31
CA LYS C 279 -16.24 13.77 7.97
C LYS C 279 -16.95 13.02 9.08
N THR C 280 -16.20 12.20 9.82
CA THR C 280 -16.76 11.46 10.95
C THR C 280 -15.76 11.58 12.09
N PRO C 281 -16.27 11.58 13.34
CA PRO C 281 -15.35 11.69 14.47
C PRO C 281 -14.11 10.81 14.32
N GLU C 282 -14.31 9.61 13.78
CA GLU C 282 -13.23 8.65 13.59
C GLU C 282 -12.17 9.21 12.66
N GLU C 283 -12.58 9.91 11.61
CA GLU C 283 -11.64 10.50 10.66
C GLU C 283 -10.72 11.48 11.40
N VAL C 284 -11.26 12.18 12.40
CA VAL C 284 -10.45 13.14 13.15
C VAL C 284 -9.53 12.40 14.09
N THR C 285 -10.03 11.30 14.65
CA THR C 285 -9.23 10.48 15.57
C THR C 285 -8.11 9.81 14.79
N ARG C 286 -8.42 9.40 13.58
CA ARG C 286 -7.43 8.74 12.73
C ARG C 286 -6.28 9.72 12.52
N THR C 287 -6.61 10.91 12.02
CA THR C 287 -5.63 11.96 11.72
C THR C 287 -4.79 12.44 12.89
N VAL C 288 -5.43 12.62 14.05
CA VAL C 288 -4.73 13.07 15.25
C VAL C 288 -3.79 11.98 15.73
N ASN C 289 -4.29 10.75 15.81
CA ASN C 289 -3.48 9.64 16.25
C ASN C 289 -2.24 9.42 15.45
N THR C 290 -2.34 9.52 14.13
CA THR C 290 -1.14 9.27 13.33
C THR C 290 -0.14 10.42 13.42
N ALA C 291 -0.63 11.63 13.68
CA ALA C 291 0.26 12.78 13.82
C ALA C 291 0.99 12.59 15.16
N VAL C 292 0.26 12.18 16.18
CA VAL C 292 0.85 11.92 17.49
C VAL C 292 1.89 10.82 17.35
N ALA C 293 1.55 9.75 16.63
CA ALA C 293 2.47 8.66 16.44
C ALA C 293 3.76 9.10 15.74
N LEU C 294 3.59 9.86 14.66
CA LEU C 294 4.76 10.33 13.94
C LEU C 294 5.67 11.08 14.89
N THR C 295 5.09 11.98 15.69
CA THR C 295 5.87 12.76 16.62
C THR C 295 6.61 11.90 17.64
N LEU C 296 5.94 10.89 18.18
CA LEU C 296 6.59 10.01 19.14
C LEU C 296 7.72 9.26 18.48
N SER C 297 7.52 8.96 17.21
CA SER C 297 8.48 8.22 16.41
C SER C 297 9.75 9.03 16.21
N CYS C 298 9.59 10.35 16.13
CA CYS C 298 10.69 11.27 15.93
C CYS C 298 11.58 11.28 17.15
N PHE C 299 11.02 10.91 18.30
CA PHE C 299 11.79 10.94 19.52
C PHE C 299 12.07 9.60 20.17
N GLY C 300 12.26 8.55 19.37
CA GLY C 300 12.56 7.26 19.95
C GLY C 300 11.66 6.05 19.76
N THR C 301 10.35 6.24 19.85
CA THR C 301 9.44 5.09 19.72
C THR C 301 9.66 4.30 18.43
N LYS C 302 10.09 3.05 18.57
CA LYS C 302 10.31 2.22 17.40
C LYS C 302 9.17 1.20 17.31
N ARG C 303 8.84 0.78 16.09
CA ARG C 303 7.84 -0.25 15.91
C ARG C 303 8.38 -1.62 16.32
N GLU C 304 9.71 -1.77 16.38
CA GLU C 304 10.29 -3.04 16.77
C GLU C 304 10.19 -3.18 18.29
N GLY C 305 10.05 -2.05 18.97
CA GLY C 305 9.94 -2.09 20.42
C GLY C 305 10.89 -1.18 21.18
N ASN C 306 10.57 -0.97 22.46
CA ASN C 306 11.40 -0.13 23.32
C ASN C 306 11.45 -0.69 24.74
N HIS C 307 12.66 -0.73 25.32
CA HIS C 307 12.84 -1.17 26.71
C HIS C 307 13.80 -0.20 27.39
N LYS C 308 13.64 -0.02 28.70
CA LYS C 308 14.48 0.90 29.41
C LYS C 308 15.85 0.33 29.77
N PRO C 309 16.91 1.10 29.42
CA PRO C 309 18.29 0.67 29.72
C PRO C 309 18.52 0.39 31.18
N GLU C 310 19.43 -0.50 31.44
CA GLU C 310 19.79 -0.85 32.80
C GLU C 310 18.69 -1.43 33.64
N THR C 311 17.70 -2.00 32.99
CA THR C 311 16.65 -2.64 33.73
C THR C 311 16.63 -4.06 33.20
N ASP C 312 16.65 -5.00 34.12
CA ASP C 312 16.65 -6.42 33.79
C ASP C 312 15.24 -6.96 33.98
N TYR C 313 14.51 -7.06 32.86
CA TYR C 313 13.13 -7.53 32.87
C TYR C 313 13.01 -9.03 33.20
N LEU C 314 14.14 -9.66 33.52
CA LEU C 314 14.16 -11.09 33.86
C LEU C 314 14.60 -11.33 35.31
MN MN D . -1.36 -10.65 17.22
MN MN E . -0.72 -13.51 18.03
N10 AHI F . -3.28 -10.04 19.99
C09 AHI F . -2.21 -10.28 20.81
NP1 AHI F . -1.36 -11.22 20.53
N08 AHI F . -2.17 -9.51 21.96
C07 AHI F . -1.08 -9.72 22.95
C06 AHI F . -1.27 -8.64 24.00
C03 AHI F . 0.10 -8.59 24.88
N02 AHI F . -0.41 -8.79 26.27
O16 AHI F . -1.48 -11.89 19.41
MN MN G . -9.14 -7.70 -16.48
MN MN H . -9.03 -7.50 -19.44
N10 AHI I . -12.30 -9.39 -16.63
C09 AHI I . -11.71 -10.38 -17.36
NP1 AHI I . -10.75 -10.10 -18.18
N08 AHI I . -12.26 -11.64 -17.22
C07 AHI I . -11.77 -12.78 -18.04
C06 AHI I . -12.44 -14.01 -17.48
C03 AHI I . -11.64 -15.30 -18.05
N02 AHI I . -12.72 -16.08 -18.71
O16 AHI I . -10.35 -8.87 -18.33
MN MN J . 0.53 20.22 2.02
MN MN K . 2.16 22.36 3.40
N10 AHI L . -2.11 22.53 1.29
C09 AHI L . -1.23 23.28 0.55
NP1 AHI L . 0.02 23.35 0.90
N08 AHI L . -1.78 24.00 -0.49
C07 AHI L . -0.94 24.92 -1.29
C06 AHI L . -1.81 25.37 -2.46
C03 AHI L . -0.83 26.04 -3.56
N02 AHI L . -1.43 27.39 -3.73
O16 AHI L . 0.45 22.71 1.96
#